data_2IOA
#
_entry.id   2IOA
#
_cell.length_a   60.03
_cell.length_b   75.29
_cell.length_c   84.66
_cell.angle_alpha   70.09
_cell.angle_beta   74.06
_cell.angle_gamma   77.55
#
_symmetry.space_group_name_H-M   'P 1'
#
loop_
_entity.id
_entity.type
_entity.pdbx_description
1 polymer 'Bifunctional glutathionylspermidine synthetase/amidase'
2 non-polymer 'MAGNESIUM ION'
3 non-polymer D-GAMMA-GLUTAMYL-N-{[(R)-{4-[(4-AMINOBUTYL)AMINO]BUTYL}(PHOSPHONOOXY)PHOSPHORYL]METHYL}-D-ALANINAMIDE
4 non-polymer "ADENOSINE-5'-DIPHOSPHATE"
5 water water
#
_entity_poly.entity_id   1
_entity_poly.type   'polypeptide(L)'
_entity_poly.pdbx_seq_one_letter_code
;MSKGTTSQDAPFGTLLGYAPGGVAIYSSDYSSLDPQEYEDDAVFRSYIDDEYMGHKWQCVEFARRFLFLNYGVVFTDVGM
AWEIFSLRFLREVVNDNILPLQAFPNGSPRAPVAGALLIWDKGGEFKDTGHVAIITQLHGNKVRIAEQNVIHSPLPQGQQ
WTRELEMVVENGCYTLKDTFDDTTILGWMIQTEDTEYSLPQPEIAGELLKISGARLENKGQFDGKWLDEKDPLQNAYVQA
NGQVINQDPYHYYTITESAEQELIKATNELHLMYLHATDKVLKDDNLLALFDIPKILWPRLRLSWQRRRHHMITGRMDFC
MDERGLKVYEYNADSASCHTEAGLILERWAEQGYKGNGFNPAEGLINELAGAWKHSRARPFVHIMQDKDIEENYHAQFME
QALHQAGFETRILRGLDELGWDAAGQLIDGEGRLVNCVWKTWAWETAFDQIREVSDREFAAVPIRTGHPQNEVRLIDVLL
RPEVLVFEPLWTVIPGNKAILPILWSLFPHHRYLLDTDFTVNDELVKTGYAVKPIAGRCGSNIDLVSHHEEVLDKTSGKF
AEQKNIYQQLWCLPKVDGKYIQVCTFTVGGNYGGTCLRGDESLVIKKESDIEPLIVVKK
;
_entity_poly.pdbx_strand_id   A,B
#
# COMPACT_ATOMS: atom_id res chain seq x y z
N ALA A 10 -23.31 24.71 17.99
CA ALA A 10 -24.00 23.47 17.53
C ALA A 10 -23.45 22.25 18.28
N PRO A 11 -24.26 21.21 18.45
CA PRO A 11 -23.80 20.03 19.16
C PRO A 11 -22.45 19.48 18.69
N PHE A 12 -21.90 18.60 19.51
CA PHE A 12 -20.63 17.96 19.23
C PHE A 12 -20.85 17.12 17.99
N GLY A 13 -20.00 17.30 16.98
CA GLY A 13 -20.14 16.51 15.77
C GLY A 13 -20.76 17.25 14.60
N THR A 14 -21.53 18.30 14.90
CA THR A 14 -22.17 19.06 13.84
C THR A 14 -21.17 19.68 12.86
N LEU A 15 -21.51 19.63 11.58
CA LEU A 15 -20.67 20.20 10.54
C LEU A 15 -20.95 21.70 10.48
N LEU A 16 -19.91 22.52 10.67
CA LEU A 16 -20.06 23.97 10.66
C LEU A 16 -19.57 24.58 9.36
N GLY A 17 -18.96 23.76 8.52
CA GLY A 17 -18.46 24.25 7.24
C GLY A 17 -17.30 23.43 6.72
N TYR A 18 -16.65 23.94 5.69
CA TYR A 18 -15.51 23.29 5.08
C TYR A 18 -14.40 24.30 4.89
N ALA A 19 -13.17 23.80 4.82
CA ALA A 19 -11.99 24.63 4.61
C ALA A 19 -11.57 24.44 3.15
N PRO A 20 -10.58 25.22 2.68
CA PRO A 20 -10.15 25.06 1.29
C PRO A 20 -9.98 23.60 0.92
N GLY A 21 -10.36 23.25 -0.31
CA GLY A 21 -10.24 21.87 -0.79
C GLY A 21 -11.41 21.02 -0.36
N GLY A 22 -12.34 21.60 0.39
CA GLY A 22 -13.51 20.89 0.86
C GLY A 22 -13.35 20.19 2.19
N VAL A 23 -12.34 20.57 2.98
CA VAL A 23 -12.07 19.92 4.26
C VAL A 23 -12.98 20.32 5.41
N ALA A 24 -13.89 19.42 5.78
CA ALA A 24 -14.84 19.64 6.86
C ALA A 24 -14.28 20.20 8.16
N ILE A 25 -15.14 20.85 8.92
CA ILE A 25 -14.80 21.43 10.21
C ILE A 25 -16.02 21.22 11.09
N TYR A 26 -15.85 20.49 12.19
CA TYR A 26 -16.96 20.21 13.08
C TYR A 26 -16.92 20.97 14.40
N SER A 27 -18.07 21.00 15.06
CA SER A 27 -18.19 21.64 16.36
C SER A 27 -17.77 20.61 17.38
N SER A 28 -16.93 21.02 18.32
CA SER A 28 -16.45 20.11 19.34
C SER A 28 -16.91 20.53 20.72
N ASP A 29 -18.18 20.91 20.85
CA ASP A 29 -18.71 21.29 22.15
C ASP A 29 -19.05 20.01 22.89
N TYR A 30 -18.15 19.59 23.75
CA TYR A 30 -18.38 18.39 24.52
C TYR A 30 -19.58 18.59 25.45
N VAL A 43 -15.77 6.40 20.36
CA VAL A 43 -15.65 6.70 18.89
C VAL A 43 -14.96 8.06 18.71
N PHE A 44 -14.13 8.44 19.68
CA PHE A 44 -13.45 9.73 19.63
C PHE A 44 -12.18 9.83 18.80
N ARG A 45 -11.63 8.70 18.38
CA ARG A 45 -10.45 8.74 17.54
C ARG A 45 -10.96 9.10 16.16
N SER A 46 -10.10 9.72 15.35
CA SER A 46 -10.51 10.10 14.02
C SER A 46 -9.52 9.53 13.03
N TYR A 47 -10.02 8.66 12.15
CA TYR A 47 -9.20 8.03 11.14
C TYR A 47 -9.71 8.31 9.74
N ILE A 48 -8.80 8.30 8.77
CA ILE A 48 -9.15 8.43 7.36
C ILE A 48 -8.42 7.21 6.86
N ASP A 49 -9.11 6.08 6.93
CA ASP A 49 -8.57 4.78 6.53
C ASP A 49 -7.63 4.33 7.65
N ASP A 50 -6.50 3.74 7.28
CA ASP A 50 -5.55 3.24 8.27
C ASP A 50 -4.75 4.35 8.97
N GLU A 51 -5.07 5.61 8.70
CA GLU A 51 -4.30 6.70 9.28
C GLU A 51 -5.01 7.46 10.39
N TYR A 52 -4.31 7.59 11.52
CA TYR A 52 -4.80 8.28 12.71
C TYR A 52 -4.71 9.80 12.50
N MET A 53 -5.81 10.51 12.75
CA MET A 53 -5.86 11.96 12.56
C MET A 53 -5.87 12.75 13.87
N GLY A 54 -6.60 12.24 14.86
CA GLY A 54 -6.66 12.92 16.14
C GLY A 54 -7.94 12.67 16.89
N HIS A 55 -8.08 13.35 18.01
CA HIS A 55 -9.25 13.24 18.86
C HIS A 55 -10.31 14.20 18.27
N LYS A 56 -11.57 13.88 18.50
CA LYS A 56 -12.65 14.72 17.98
C LYS A 56 -13.13 15.71 19.03
N TRP A 57 -13.20 16.99 18.67
CA TRP A 57 -12.76 17.48 17.37
C TRP A 57 -11.72 18.56 17.65
N GLN A 58 -10.57 18.13 18.12
CA GLN A 58 -9.50 19.05 18.49
C GLN A 58 -8.99 19.85 17.31
N CYS A 59 -8.32 20.96 17.64
CA CYS A 59 -7.74 21.85 16.66
C CYS A 59 -6.65 21.09 15.89
N VAL A 60 -6.08 20.07 16.53
CA VAL A 60 -5.02 19.23 15.93
C VAL A 60 -5.54 18.22 14.90
N GLU A 61 -6.72 17.65 15.17
CA GLU A 61 -7.34 16.69 14.26
C GLU A 61 -7.62 17.36 12.90
N PHE A 62 -8.13 18.59 12.94
CA PHE A 62 -8.42 19.32 11.72
C PHE A 62 -7.13 19.60 10.95
N ALA A 63 -6.19 20.24 11.62
CA ALA A 63 -4.91 20.58 11.02
C ALA A 63 -4.24 19.38 10.35
N ARG A 64 -4.23 18.24 11.02
CA ARG A 64 -3.58 17.04 10.47
C ARG A 64 -4.37 16.47 9.29
N ARG A 65 -5.70 16.45 9.43
CA ARG A 65 -6.58 15.97 8.37
C ARG A 65 -6.46 16.93 7.16
N PHE A 66 -6.42 18.24 7.42
CA PHE A 66 -6.29 19.19 6.32
C PHE A 66 -5.01 18.92 5.51
N LEU A 67 -3.90 18.68 6.19
CA LEU A 67 -2.65 18.41 5.49
C LEU A 67 -2.68 17.04 4.81
N PHE A 68 -3.32 16.07 5.45
CA PHE A 68 -3.38 14.74 4.86
C PHE A 68 -4.23 14.73 3.59
N LEU A 69 -5.43 15.32 3.67
CA LEU A 69 -6.33 15.33 2.52
C LEU A 69 -5.87 16.20 1.34
N ASN A 70 -5.09 17.24 1.58
CA ASN A 70 -4.65 18.10 0.47
C ASN A 70 -3.20 17.91 0.04
N TYR A 71 -2.33 17.51 0.96
CA TYR A 71 -0.90 17.34 0.66
C TYR A 71 -0.41 15.93 0.91
N GLY A 72 -1.25 15.09 1.50
CA GLY A 72 -0.82 13.73 1.75
C GLY A 72 0.42 13.70 2.60
N VAL A 73 0.40 14.52 3.66
CA VAL A 73 1.49 14.62 4.62
C VAL A 73 0.81 14.78 5.97
N VAL A 74 1.56 14.52 7.03
CA VAL A 74 1.01 14.61 8.38
C VAL A 74 2.15 14.87 9.35
N PHE A 75 1.82 15.45 10.49
CA PHE A 75 2.83 15.70 11.52
C PHE A 75 2.60 14.69 12.65
N THR A 76 3.72 14.30 13.26
CA THR A 76 3.79 13.35 14.36
C THR A 76 2.74 13.61 15.42
N ASP A 77 2.62 12.68 16.36
CA ASP A 77 1.64 12.85 17.42
C ASP A 77 2.26 13.75 18.49
N VAL A 78 1.50 14.75 18.94
CA VAL A 78 2.02 15.64 19.96
C VAL A 78 1.07 15.74 21.14
N GLY A 79 1.61 16.08 22.30
CA GLY A 79 0.81 16.21 23.50
C GLY A 79 -0.16 17.36 23.40
N MET A 80 0.36 18.56 23.11
CA MET A 80 -0.43 19.78 22.97
C MET A 80 -0.09 20.51 21.68
N ALA A 81 -1.01 21.32 21.20
CA ALA A 81 -0.83 22.06 19.94
C ALA A 81 0.46 22.87 19.85
N TRP A 82 0.77 23.63 20.89
CA TRP A 82 1.96 24.49 20.88
C TRP A 82 3.25 23.73 20.63
N GLU A 83 3.20 22.41 20.73
CA GLU A 83 4.39 21.59 20.54
C GLU A 83 4.65 21.38 19.07
N ILE A 84 3.67 21.71 18.24
CA ILE A 84 3.82 21.56 16.80
C ILE A 84 4.87 22.53 16.26
N PHE A 85 5.09 23.63 16.96
CA PHE A 85 6.05 24.64 16.51
C PHE A 85 7.47 24.18 16.71
N SER A 86 7.63 23.05 17.40
CA SER A 86 8.93 22.46 17.70
C SER A 86 9.38 21.41 16.70
N LEU A 87 8.44 20.88 15.93
CA LEU A 87 8.73 19.86 14.93
C LEU A 87 9.53 20.44 13.78
N ARG A 88 10.42 19.63 13.23
CA ARG A 88 11.22 20.09 12.12
C ARG A 88 11.14 19.11 10.94
N PHE A 89 10.02 18.42 10.83
CA PHE A 89 9.82 17.46 9.74
C PHE A 89 8.35 17.03 9.66
N LEU A 90 7.94 16.64 8.46
CA LEU A 90 6.58 16.14 8.22
C LEU A 90 6.74 14.77 7.59
N ARG A 91 5.71 13.94 7.71
CA ARG A 91 5.77 12.61 7.11
C ARG A 91 4.93 12.54 5.84
N GLU A 92 5.56 12.14 4.72
CA GLU A 92 4.82 11.99 3.48
C GLU A 92 4.17 10.58 3.55
N VAL A 93 2.84 10.56 3.65
CA VAL A 93 2.07 9.34 3.81
C VAL A 93 2.05 8.23 2.75
N VAL A 94 2.15 8.54 1.47
CA VAL A 94 2.09 7.46 0.49
C VAL A 94 3.39 6.66 0.36
N ASN A 95 4.37 6.94 1.21
CA ASN A 95 5.66 6.24 1.12
C ASN A 95 6.52 6.31 2.39
N ASP A 96 5.90 6.64 3.51
CA ASP A 96 6.60 6.76 4.80
C ASP A 96 7.91 7.48 4.67
N ASN A 97 7.90 8.59 3.94
CA ASN A 97 9.08 9.39 3.74
C ASN A 97 9.04 10.67 4.59
N ILE A 98 10.22 11.15 4.99
CA ILE A 98 10.31 12.35 5.83
C ILE A 98 10.61 13.64 5.07
N LEU A 99 9.81 14.67 5.34
CA LEU A 99 10.03 15.96 4.69
C LEU A 99 10.47 17.03 5.69
N PRO A 100 11.36 17.94 5.25
CA PRO A 100 11.87 19.03 6.12
C PRO A 100 10.79 20.10 6.32
N LEU A 101 10.67 20.58 7.54
CA LEU A 101 9.69 21.61 7.84
C LEU A 101 10.31 22.74 8.60
N GLN A 102 10.24 23.96 8.05
CA GLN A 102 10.80 25.13 8.72
C GLN A 102 9.78 25.84 9.60
N ALA A 103 10.26 26.51 10.62
CA ALA A 103 9.42 27.26 11.55
C ALA A 103 9.76 28.74 11.39
N PHE A 104 8.81 29.62 11.62
CA PHE A 104 9.09 31.05 11.49
C PHE A 104 8.45 31.88 12.58
N PRO A 105 9.21 32.83 13.13
CA PRO A 105 8.70 33.69 14.19
C PRO A 105 7.72 34.73 13.66
N ASN A 106 6.66 34.97 14.43
CA ASN A 106 5.69 35.96 14.06
C ASN A 106 6.56 37.20 13.89
N GLY A 107 6.47 37.85 12.74
CA GLY A 107 7.27 39.02 12.49
C GLY A 107 8.45 38.66 11.61
N SER A 108 8.32 37.59 10.85
CA SER A 108 9.40 37.15 9.99
C SER A 108 9.38 37.74 8.59
N PRO A 109 10.57 37.88 7.99
CA PRO A 109 10.73 38.42 6.64
C PRO A 109 10.06 37.43 5.69
N ARG A 110 9.76 36.25 6.21
CA ARG A 110 9.12 35.19 5.44
C ARG A 110 7.60 35.30 5.64
N ALA A 111 6.88 35.57 4.55
CA ALA A 111 5.41 35.71 4.64
C ALA A 111 4.68 34.39 4.89
N PRO A 112 3.61 34.45 5.69
CA PRO A 112 2.78 33.30 6.04
C PRO A 112 1.87 32.86 4.90
N VAL A 113 2.48 32.22 3.89
CA VAL A 113 1.79 31.71 2.72
C VAL A 113 0.59 30.81 3.05
N ALA A 114 -0.32 30.66 2.09
CA ALA A 114 -1.51 29.83 2.26
C ALA A 114 -1.05 28.38 2.39
N GLY A 115 -1.73 27.60 3.23
CA GLY A 115 -1.35 26.22 3.43
C GLY A 115 -0.51 26.02 4.68
N ALA A 116 0.33 27.00 5.03
CA ALA A 116 1.19 26.92 6.21
C ALA A 116 0.42 26.70 7.51
N LEU A 117 1.12 26.12 8.48
CA LEU A 117 0.55 25.86 9.79
C LEU A 117 0.78 27.12 10.62
N LEU A 118 -0.22 27.49 11.41
CA LEU A 118 -0.07 28.68 12.24
C LEU A 118 -0.15 28.21 13.68
N ILE A 119 0.90 28.44 14.47
CA ILE A 119 0.83 27.98 15.85
C ILE A 119 0.82 29.01 16.96
N TRP A 120 -0.07 28.76 17.91
CA TRP A 120 -0.24 29.58 19.09
C TRP A 120 0.45 28.87 20.23
N ASP A 121 1.18 29.61 21.06
CA ASP A 121 1.85 29.02 22.20
C ASP A 121 0.75 28.83 23.22
N LYS A 122 1.12 28.49 24.45
CA LYS A 122 0.11 28.34 25.49
C LYS A 122 0.08 29.66 26.27
N GLY A 123 -1.12 30.14 26.55
CA GLY A 123 -1.25 31.39 27.27
C GLY A 123 -2.45 32.17 26.76
N GLY A 124 -3.20 32.72 27.70
CA GLY A 124 -4.38 33.49 27.34
C GLY A 124 -5.56 32.58 27.04
N GLU A 125 -6.23 32.84 25.93
CA GLU A 125 -7.38 32.06 25.53
C GLU A 125 -7.02 30.58 25.43
N PHE A 126 -5.85 30.31 24.85
CA PHE A 126 -5.36 28.95 24.65
C PHE A 126 -4.47 28.45 25.80
N LYS A 127 -4.99 28.61 27.02
CA LYS A 127 -4.32 28.21 28.27
C LYS A 127 -3.05 27.37 28.19
N ASP A 128 -3.20 26.05 28.32
CA ASP A 128 -2.07 25.12 28.32
C ASP A 128 -1.83 24.44 26.98
N THR A 129 -2.93 24.18 26.30
CA THR A 129 -2.90 23.51 25.01
C THR A 129 -2.16 24.34 23.97
N GLY A 130 -2.64 25.54 23.75
CA GLY A 130 -2.05 26.38 22.74
C GLY A 130 -3.04 26.26 21.59
N HIS A 131 -2.58 26.44 20.36
CA HIS A 131 -3.52 26.33 19.25
C HIS A 131 -2.84 26.18 17.90
N VAL A 132 -3.56 25.57 16.96
CA VAL A 132 -3.03 25.37 15.62
C VAL A 132 -4.12 25.64 14.59
N ALA A 133 -3.73 26.26 13.48
CA ALA A 133 -4.67 26.56 12.42
C ALA A 133 -3.96 26.59 11.08
N ILE A 134 -4.75 26.55 10.01
CA ILE A 134 -4.22 26.58 8.66
C ILE A 134 -4.45 27.98 8.08
N ILE A 135 -3.43 28.55 7.47
CA ILE A 135 -3.54 29.85 6.81
C ILE A 135 -4.20 29.52 5.45
N THR A 136 -5.47 29.88 5.25
CA THR A 136 -6.11 29.57 3.96
C THR A 136 -5.82 30.59 2.85
N GLN A 137 -5.96 31.88 3.16
CA GLN A 137 -5.70 32.92 2.15
C GLN A 137 -5.06 34.18 2.77
N LEU A 138 -3.95 34.59 2.18
CA LEU A 138 -3.19 35.76 2.60
C LEU A 138 -3.48 36.95 1.69
N HIS A 139 -3.73 38.13 2.26
CA HIS A 139 -4.02 39.32 1.46
C HIS A 139 -2.95 40.42 1.51
N GLY A 140 -3.39 41.66 1.75
CA GLY A 140 -2.46 42.76 1.82
C GLY A 140 -2.45 43.38 3.21
N ASN A 141 -3.56 43.25 3.93
CA ASN A 141 -3.65 43.81 5.27
C ASN A 141 -4.19 42.80 6.29
N LYS A 142 -4.33 41.55 5.88
CA LYS A 142 -4.81 40.50 6.79
C LYS A 142 -4.74 39.14 6.13
N VAL A 143 -4.98 38.09 6.91
CA VAL A 143 -4.96 36.74 6.34
C VAL A 143 -6.13 35.98 6.89
N ARG A 144 -6.54 34.95 6.17
CA ARG A 144 -7.64 34.13 6.62
C ARG A 144 -7.14 32.76 7.02
N ILE A 145 -7.68 32.27 8.13
CA ILE A 145 -7.28 30.99 8.65
C ILE A 145 -8.50 30.11 8.86
N ALA A 146 -8.26 28.80 8.91
CA ALA A 146 -9.31 27.83 9.14
C ALA A 146 -8.90 26.97 10.35
N GLU A 147 -9.84 26.63 11.21
CA GLU A 147 -9.52 25.84 12.38
C GLU A 147 -10.74 25.13 12.89
N GLN A 148 -10.57 24.27 13.90
CA GLN A 148 -11.68 23.48 14.40
C GLN A 148 -12.12 23.65 15.85
N ASN A 149 -11.27 24.18 16.72
CA ASN A 149 -11.68 24.32 18.11
C ASN A 149 -11.71 25.76 18.61
N VAL A 150 -12.51 26.60 17.97
CA VAL A 150 -12.65 28.00 18.34
C VAL A 150 -14.07 28.40 18.08
N ILE A 151 -14.57 27.99 16.91
CA ILE A 151 -15.94 28.28 16.47
C ILE A 151 -16.78 27.02 16.60
N HIS A 152 -17.90 27.12 17.29
CA HIS A 152 -18.77 25.96 17.44
C HIS A 152 -20.13 26.21 16.80
N SER A 153 -20.18 27.23 15.93
CA SER A 153 -21.41 27.59 15.23
C SER A 153 -21.22 27.59 13.72
N PRO A 154 -22.27 27.19 12.98
CA PRO A 154 -22.29 27.10 11.51
C PRO A 154 -21.69 28.32 10.85
N LEU A 155 -20.86 28.09 9.83
CA LEU A 155 -20.22 29.21 9.12
C LEU A 155 -21.06 29.70 7.94
N PRO A 156 -20.92 31.01 7.62
CA PRO A 156 -21.63 31.65 6.50
C PRO A 156 -21.48 30.77 5.27
N GLN A 157 -22.62 30.34 4.71
CA GLN A 157 -22.64 29.48 3.52
C GLN A 157 -21.58 29.81 2.48
N GLY A 158 -20.68 28.87 2.23
CA GLY A 158 -19.64 29.07 1.25
C GLY A 158 -18.38 29.72 1.79
N GLN A 159 -18.34 30.00 3.09
CA GLN A 159 -17.16 30.60 3.69
C GLN A 159 -16.22 29.45 4.09
N GLN A 160 -15.02 29.49 3.54
CA GLN A 160 -14.02 28.47 3.82
C GLN A 160 -12.86 28.98 4.64
N TRP A 161 -13.21 29.74 5.69
CA TRP A 161 -12.26 30.28 6.62
C TRP A 161 -13.05 30.55 7.89
N THR A 162 -12.39 30.42 9.05
CA THR A 162 -13.03 30.63 10.36
C THR A 162 -12.80 32.00 10.98
N ARG A 163 -11.65 32.60 10.72
CA ARG A 163 -11.34 33.92 11.24
C ARG A 163 -10.37 34.69 10.37
N GLU A 164 -10.34 36.00 10.56
CA GLU A 164 -9.43 36.88 9.85
C GLU A 164 -8.49 37.44 10.89
N LEU A 165 -7.23 37.63 10.52
CA LEU A 165 -6.26 38.16 11.46
C LEU A 165 -5.49 39.33 10.86
N GLU A 166 -5.60 40.47 11.51
CA GLU A 166 -4.92 41.66 11.04
C GLU A 166 -3.43 41.35 10.84
N MET A 167 -2.90 41.68 9.69
CA MET A 167 -1.49 41.46 9.42
C MET A 167 -0.85 42.78 9.03
N VAL A 168 0.23 43.15 9.73
CA VAL A 168 0.93 44.38 9.43
C VAL A 168 2.20 44.04 8.65
N VAL A 169 2.64 44.94 7.78
CA VAL A 169 3.84 44.68 6.99
C VAL A 169 4.77 45.87 7.07
N GLU A 170 5.86 45.75 7.83
CA GLU A 170 6.83 46.83 7.99
C GLU A 170 8.25 46.44 7.65
N ASN A 171 8.76 46.99 6.56
CA ASN A 171 10.12 46.70 6.11
C ASN A 171 10.33 45.23 5.78
N GLY A 172 9.46 44.69 4.92
CA GLY A 172 9.57 43.30 4.53
C GLY A 172 9.49 42.31 5.68
N CYS A 173 8.67 42.65 6.68
CA CYS A 173 8.45 41.81 7.86
C CYS A 173 6.96 41.73 8.12
N TYR A 174 6.46 40.51 8.25
CA TYR A 174 5.04 40.27 8.49
C TYR A 174 4.77 39.91 9.94
N THR A 175 3.75 40.50 10.52
CA THR A 175 3.42 40.25 11.91
C THR A 175 1.92 40.07 12.01
N LEU A 176 1.49 38.99 12.65
CA LEU A 176 0.06 38.75 12.80
C LEU A 176 -0.40 39.22 14.15
N LYS A 177 -1.66 39.62 14.22
CA LYS A 177 -2.22 40.11 15.47
C LYS A 177 -3.47 39.30 15.73
N ASP A 178 -3.38 38.34 16.64
CA ASP A 178 -4.52 37.51 16.93
C ASP A 178 -5.73 38.33 17.35
N THR A 179 -6.92 37.73 17.21
CA THR A 179 -8.14 38.43 17.57
C THR A 179 -8.38 38.37 19.08
N PHE A 180 -7.43 37.78 19.81
CA PHE A 180 -7.55 37.71 21.25
C PHE A 180 -6.46 38.61 21.86
N ASP A 181 -6.83 39.38 22.88
CA ASP A 181 -5.91 40.31 23.55
C ASP A 181 -4.87 39.68 24.47
N ASP A 182 -5.04 38.40 24.79
CA ASP A 182 -4.11 37.71 25.69
C ASP A 182 -3.43 36.45 25.15
N THR A 183 -3.24 36.35 23.84
CA THR A 183 -2.61 35.17 23.29
C THR A 183 -1.31 35.49 22.58
N THR A 184 -0.43 34.50 22.48
CA THR A 184 0.85 34.68 21.83
C THR A 184 0.95 33.75 20.63
N ILE A 185 1.28 34.30 19.45
CA ILE A 185 1.41 33.54 18.20
C ILE A 185 2.88 33.25 17.90
N LEU A 186 3.29 32.01 18.08
CA LEU A 186 4.67 31.65 17.85
C LEU A 186 5.10 31.92 16.42
N GLY A 187 4.25 31.57 15.47
CA GLY A 187 4.60 31.77 14.09
C GLY A 187 3.96 30.73 13.21
N TRP A 188 4.48 30.64 11.99
CA TRP A 188 3.96 29.70 11.03
C TRP A 188 5.07 28.84 10.50
N MET A 189 4.68 27.69 9.96
CA MET A 189 5.62 26.73 9.44
C MET A 189 5.33 26.42 8.00
N ILE A 190 6.41 26.32 7.22
CA ILE A 190 6.34 26.04 5.79
C ILE A 190 7.27 24.87 5.47
N GLN A 191 6.79 23.95 4.64
CA GLN A 191 7.56 22.78 4.24
C GLN A 191 8.41 23.11 3.03
N THR A 192 9.67 23.46 3.30
CA THR A 192 10.60 23.81 2.24
C THR A 192 12.01 23.44 2.71
N GLU A 193 12.97 23.38 1.79
CA GLU A 193 14.34 23.05 2.16
C GLU A 193 15.06 24.38 2.42
N ASP A 194 14.50 25.45 1.90
CA ASP A 194 15.10 26.77 2.08
C ASP A 194 14.96 27.21 3.54
N THR A 195 16.09 27.21 4.24
CA THR A 195 16.12 27.56 5.65
C THR A 195 16.30 29.05 5.93
N GLU A 196 16.51 29.83 4.89
CA GLU A 196 16.69 31.25 5.08
C GLU A 196 15.54 31.84 5.94
N TYR A 197 15.91 32.60 6.97
CA TYR A 197 14.94 33.25 7.87
C TYR A 197 14.35 32.34 8.96
N SER A 198 14.60 31.04 8.86
CA SER A 198 14.02 30.10 9.82
C SER A 198 14.66 29.97 11.20
N LEU A 199 13.89 29.39 12.11
CA LEU A 199 14.31 29.15 13.49
C LEU A 199 15.09 27.85 13.64
N PRO A 200 16.22 27.89 14.34
CA PRO A 200 16.98 26.66 14.52
C PRO A 200 16.14 25.73 15.40
N GLN A 201 16.24 24.42 15.23
CA GLN A 201 15.45 23.51 16.05
C GLN A 201 15.75 23.69 17.54
N PRO A 202 14.71 23.78 18.36
CA PRO A 202 14.93 23.96 19.80
C PRO A 202 15.76 22.83 20.38
N GLU A 203 16.10 22.98 21.65
CA GLU A 203 16.90 22.00 22.38
C GLU A 203 16.76 22.34 23.86
N ILE A 204 16.15 21.42 24.60
CA ILE A 204 15.93 21.60 26.04
C ILE A 204 17.22 21.73 26.85
N ALA A 205 17.19 22.57 27.88
CA ALA A 205 18.33 22.78 28.76
C ALA A 205 18.66 21.51 29.52
N GLY A 206 19.80 20.89 29.19
CA GLY A 206 20.20 19.67 29.85
C GLY A 206 19.85 19.62 31.33
N GLU A 207 19.87 20.79 31.96
CA GLU A 207 19.55 20.90 33.37
C GLU A 207 18.23 20.21 33.69
N LEU A 208 17.27 20.36 32.79
CA LEU A 208 15.94 19.77 32.96
C LEU A 208 15.90 18.26 32.68
N LEU A 209 16.98 17.71 32.12
CA LEU A 209 17.03 16.30 31.81
C LEU A 209 17.72 15.49 32.90
N LYS A 210 17.98 16.14 34.05
CA LYS A 210 18.66 15.47 35.14
C LYS A 210 17.74 14.57 35.96
N ILE A 211 18.21 13.35 36.20
CA ILE A 211 17.48 12.35 36.97
C ILE A 211 17.87 12.55 38.43
N SER A 212 16.88 12.76 39.28
CA SER A 212 17.13 13.00 40.70
C SER A 212 16.63 11.93 41.65
N GLY A 213 17.42 11.65 42.68
CA GLY A 213 17.06 10.67 43.67
C GLY A 213 16.04 11.24 44.63
N ALA A 214 15.23 10.39 45.25
CA ALA A 214 14.23 10.84 46.20
C ALA A 214 13.93 9.69 47.15
N ARG A 215 13.43 10.05 48.32
CA ARG A 215 13.09 9.07 49.32
C ARG A 215 11.72 9.35 49.90
N LEU A 216 11.01 8.30 50.27
CA LEU A 216 9.70 8.48 50.87
C LEU A 216 10.02 8.33 52.34
N GLU A 217 9.10 8.73 53.20
CA GLU A 217 9.36 8.57 54.63
C GLU A 217 8.96 7.16 54.98
N ASN A 218 9.88 6.42 55.58
CA ASN A 218 9.59 5.06 55.95
C ASN A 218 8.60 5.04 57.09
N LYS A 219 7.52 4.30 56.90
CA LYS A 219 6.49 4.12 57.90
C LYS A 219 5.98 2.72 57.60
N GLY A 220 6.91 1.92 57.08
CA GLY A 220 6.62 0.53 56.73
C GLY A 220 5.42 0.29 55.82
N GLN A 221 5.26 1.11 54.79
CA GLN A 221 4.13 0.93 53.89
C GLN A 221 4.34 -0.32 53.06
N PHE A 222 5.61 -0.74 52.97
CA PHE A 222 5.96 -1.93 52.21
C PHE A 222 6.39 -3.09 53.11
N ASP A 223 6.18 -2.94 54.41
CA ASP A 223 6.56 -3.99 55.36
C ASP A 223 6.02 -5.39 55.05
N GLY A 224 4.88 -5.49 54.37
CA GLY A 224 4.37 -6.82 54.10
C GLY A 224 3.87 -7.08 52.71
N LYS A 225 2.65 -7.62 52.62
CA LYS A 225 2.05 -7.92 51.33
C LYS A 225 1.35 -6.69 50.80
N TRP A 226 2.10 -5.81 50.15
CA TRP A 226 1.53 -4.59 49.62
C TRP A 226 0.98 -4.77 48.21
N LEU A 227 1.31 -5.90 47.58
CA LEU A 227 0.81 -6.20 46.25
C LEU A 227 -0.30 -7.21 46.47
N ASP A 228 -1.48 -6.89 45.97
CA ASP A 228 -2.62 -7.77 46.13
C ASP A 228 -2.38 -9.13 45.49
N GLU A 229 -2.51 -10.19 46.29
CA GLU A 229 -2.31 -11.56 45.81
C GLU A 229 -3.62 -12.19 45.35
N LYS A 230 -4.73 -11.55 45.71
CA LYS A 230 -6.07 -12.01 45.33
C LYS A 230 -6.32 -11.69 43.85
N ASP A 231 -5.59 -10.68 43.34
CA ASP A 231 -5.66 -10.27 41.94
C ASP A 231 -4.74 -11.27 41.22
N PRO A 232 -5.27 -12.01 40.24
CA PRO A 232 -4.51 -13.01 39.49
C PRO A 232 -3.26 -12.49 38.80
N LEU A 233 -3.33 -11.27 38.29
CA LEU A 233 -2.21 -10.70 37.57
C LEU A 233 -1.05 -10.31 38.46
N GLN A 234 -1.35 -9.72 39.61
CA GLN A 234 -0.31 -9.32 40.55
C GLN A 234 0.32 -10.56 41.14
N ASN A 235 -0.54 -11.48 41.59
CA ASN A 235 -0.09 -12.73 42.17
C ASN A 235 0.85 -13.47 41.22
N ALA A 236 0.51 -13.42 39.92
CA ALA A 236 1.34 -14.04 38.89
C ALA A 236 2.72 -13.38 38.95
N TYR A 237 2.73 -12.07 39.12
CA TYR A 237 3.96 -11.30 39.20
C TYR A 237 4.71 -11.71 40.48
N VAL A 238 3.95 -11.79 41.59
CA VAL A 238 4.51 -12.18 42.88
C VAL A 238 5.16 -13.56 42.79
N GLN A 239 4.44 -14.52 42.22
CA GLN A 239 4.98 -15.87 42.09
C GLN A 239 6.29 -15.92 41.30
N ALA A 240 6.62 -14.85 40.61
CA ALA A 240 7.88 -14.81 39.88
C ALA A 240 8.94 -13.95 40.57
N ASN A 241 8.52 -12.93 41.32
CA ASN A 241 9.48 -12.06 41.99
C ASN A 241 9.26 -11.86 43.48
N GLY A 242 8.10 -12.24 43.98
CA GLY A 242 7.80 -12.03 45.38
C GLY A 242 7.35 -10.58 45.53
N GLN A 243 6.99 -10.19 46.73
CA GLN A 243 6.56 -8.81 46.99
C GLN A 243 7.75 -7.84 46.84
N VAL A 244 8.28 -7.73 45.63
CA VAL A 244 9.44 -6.89 45.35
C VAL A 244 9.52 -6.23 43.96
N ILE A 245 10.03 -5.00 43.93
CA ILE A 245 10.23 -4.32 42.64
C ILE A 245 11.72 -4.12 42.53
N ASN A 246 12.29 -3.54 43.59
CA ASN A 246 13.72 -3.26 43.64
C ASN A 246 14.34 -3.53 45.01
N GLN A 247 15.61 -3.14 45.14
CA GLN A 247 16.41 -3.29 46.36
C GLN A 247 15.71 -2.65 47.56
N ASP A 248 15.37 -1.37 47.41
CA ASP A 248 14.71 -0.60 48.45
C ASP A 248 13.50 0.16 47.93
N PRO A 249 12.28 -0.29 48.28
CA PRO A 249 11.03 0.34 47.85
C PRO A 249 10.72 1.72 48.46
N TYR A 250 11.68 2.29 49.19
CA TYR A 250 11.46 3.60 49.80
C TYR A 250 12.25 4.64 49.04
N HIS A 251 12.87 4.22 47.95
CA HIS A 251 13.65 5.13 47.15
C HIS A 251 13.21 5.15 45.67
N TYR A 252 12.78 6.32 45.21
CA TYR A 252 12.36 6.45 43.82
C TYR A 252 13.19 7.52 43.12
N TYR A 253 12.91 7.73 41.84
CA TYR A 253 13.64 8.74 41.06
C TYR A 253 12.65 9.72 40.44
N THR A 254 13.09 10.95 40.20
CA THR A 254 12.21 11.97 39.61
C THR A 254 12.78 12.69 38.39
N ILE A 255 11.89 12.99 37.46
CA ILE A 255 12.26 13.72 36.25
C ILE A 255 11.28 14.88 36.10
N THR A 256 11.67 15.89 35.36
CA THR A 256 10.80 17.03 35.15
C THR A 256 9.79 16.76 34.05
N GLU A 257 8.59 17.29 34.23
CA GLU A 257 7.54 17.15 33.24
C GLU A 257 8.11 17.61 31.90
N SER A 258 9.11 18.49 31.96
CA SER A 258 9.75 19.02 30.76
C SER A 258 10.57 17.96 30.06
N ALA A 259 11.22 17.12 30.85
CA ALA A 259 12.03 16.05 30.30
C ALA A 259 11.07 15.02 29.73
N GLU A 260 9.98 14.75 30.44
CA GLU A 260 9.02 13.79 29.91
C GLU A 260 8.57 14.24 28.53
N GLN A 261 8.23 15.52 28.41
CA GLN A 261 7.81 16.09 27.13
C GLN A 261 8.89 15.79 26.09
N GLU A 262 10.15 15.94 26.46
CA GLU A 262 11.23 15.65 25.55
C GLU A 262 11.25 14.15 25.16
N LEU A 263 10.88 13.28 26.10
CA LEU A 263 10.85 11.84 25.84
C LEU A 263 9.68 11.49 24.92
N ILE A 264 8.56 12.16 25.11
CA ILE A 264 7.44 11.91 24.23
C ILE A 264 7.86 12.35 22.83
N LYS A 265 8.61 13.45 22.75
CA LYS A 265 9.03 13.97 21.46
C LYS A 265 9.99 13.04 20.73
N ALA A 266 10.98 12.51 21.46
CA ALA A 266 11.99 11.61 20.90
C ALA A 266 11.38 10.25 20.50
N THR A 267 10.46 9.75 21.33
CA THR A 267 9.83 8.47 21.04
C THR A 267 9.06 8.52 19.73
N ASN A 268 8.14 9.48 19.61
CA ASN A 268 7.33 9.59 18.41
C ASN A 268 8.17 9.87 17.18
N GLU A 269 9.21 10.69 17.32
CA GLU A 269 10.05 11.00 16.17
C GLU A 269 10.86 9.79 15.72
N LEU A 270 11.61 9.21 16.64
CA LEU A 270 12.44 8.03 16.35
C LEU A 270 11.68 6.88 15.72
N HIS A 271 10.45 6.64 16.16
CA HIS A 271 9.63 5.56 15.62
C HIS A 271 9.46 5.69 14.11
N LEU A 272 9.14 6.90 13.65
CA LEU A 272 8.96 7.16 12.23
C LEU A 272 10.31 7.01 11.55
N MET A 273 11.38 7.42 12.20
CA MET A 273 12.67 7.27 11.57
C MET A 273 12.95 5.79 11.39
N TYR A 274 12.54 4.99 12.37
CA TYR A 274 12.72 3.54 12.34
C TYR A 274 11.89 2.89 11.23
N LEU A 275 10.62 3.29 11.11
CA LEU A 275 9.74 2.76 10.06
C LEU A 275 10.28 3.19 8.70
N HIS A 276 10.82 4.40 8.66
CA HIS A 276 11.38 4.92 7.43
C HIS A 276 12.60 4.11 7.02
N ALA A 277 13.45 3.77 7.99
CA ALA A 277 14.67 3.01 7.70
C ALA A 277 14.29 1.60 7.27
N THR A 278 13.24 1.08 7.92
CA THR A 278 12.71 -0.25 7.62
C THR A 278 12.29 -0.31 6.15
N ASP A 279 11.61 0.76 5.74
CA ASP A 279 11.15 0.92 4.37
C ASP A 279 12.32 0.83 3.41
N LYS A 280 13.37 1.61 3.67
CA LYS A 280 14.53 1.62 2.80
C LYS A 280 15.25 0.28 2.73
N VAL A 281 15.31 -0.44 3.86
CA VAL A 281 15.99 -1.74 3.90
C VAL A 281 15.23 -2.74 3.06
N LEU A 282 13.91 -2.76 3.24
CA LEU A 282 13.09 -3.69 2.50
C LEU A 282 13.09 -3.46 0.99
N LYS A 283 13.54 -2.30 0.55
CA LYS A 283 13.57 -1.99 -0.88
C LYS A 283 14.94 -2.19 -1.53
N ASP A 284 15.94 -2.50 -0.72
CA ASP A 284 17.30 -2.67 -1.23
C ASP A 284 17.97 -3.94 -0.72
N ASP A 285 18.07 -4.93 -1.59
CA ASP A 285 18.72 -6.20 -1.23
C ASP A 285 20.06 -6.02 -0.53
N ASN A 286 20.88 -5.09 -0.99
CA ASN A 286 22.18 -4.87 -0.37
C ASN A 286 22.05 -4.61 1.12
N LEU A 287 21.02 -3.87 1.50
CA LEU A 287 20.82 -3.56 2.91
C LEU A 287 20.23 -4.74 3.64
N LEU A 288 19.17 -5.31 3.08
CA LEU A 288 18.51 -6.46 3.66
C LEU A 288 19.49 -7.59 3.95
N ALA A 289 20.53 -7.68 3.13
CA ALA A 289 21.54 -8.73 3.28
C ALA A 289 22.41 -8.62 4.55
N LEU A 290 22.47 -7.42 5.12
CA LEU A 290 23.26 -7.18 6.32
C LEU A 290 22.61 -7.62 7.64
N PHE A 291 21.37 -8.11 7.58
CA PHE A 291 20.68 -8.57 8.80
C PHE A 291 20.85 -10.03 9.10
N ASP A 292 21.50 -10.76 8.19
CA ASP A 292 21.72 -12.19 8.36
C ASP A 292 20.42 -12.93 8.61
N ILE A 293 19.49 -12.76 7.68
CA ILE A 293 18.20 -13.42 7.73
C ILE A 293 18.17 -14.35 6.53
N PRO A 294 17.67 -15.60 6.70
CA PRO A 294 17.63 -16.56 5.60
C PRO A 294 16.84 -15.99 4.41
N LYS A 295 17.47 -16.02 3.22
CA LYS A 295 16.84 -15.48 2.02
C LYS A 295 15.42 -15.97 1.76
N ILE A 296 15.17 -17.24 2.03
CA ILE A 296 13.86 -17.79 1.80
C ILE A 296 12.77 -16.93 2.44
N LEU A 297 13.14 -16.18 3.47
CA LEU A 297 12.17 -15.35 4.17
C LEU A 297 11.90 -13.94 3.64
N TRP A 298 12.86 -13.39 2.91
CA TRP A 298 12.74 -12.04 2.36
C TRP A 298 11.39 -11.69 1.71
N PRO A 299 10.90 -12.52 0.78
CA PRO A 299 9.62 -12.24 0.13
C PRO A 299 8.51 -12.14 1.17
N ARG A 300 8.66 -12.88 2.25
CA ARG A 300 7.67 -12.88 3.33
C ARG A 300 7.82 -11.63 4.19
N LEU A 301 9.03 -11.10 4.28
CA LEU A 301 9.28 -9.88 5.05
C LEU A 301 8.56 -8.69 4.41
N ARG A 302 8.82 -8.53 3.11
CA ARG A 302 8.23 -7.47 2.29
C ARG A 302 6.71 -7.48 2.31
N LEU A 303 6.12 -8.65 2.14
CA LEU A 303 4.66 -8.80 2.17
C LEU A 303 4.16 -8.34 3.54
N SER A 304 4.83 -8.78 4.59
CA SER A 304 4.47 -8.41 5.95
C SER A 304 4.45 -6.90 6.06
N TRP A 305 5.49 -6.27 5.49
CA TRP A 305 5.64 -4.83 5.52
C TRP A 305 4.43 -4.16 4.91
N GLN A 306 4.17 -4.44 3.64
CA GLN A 306 3.05 -3.85 2.93
C GLN A 306 1.67 -4.12 3.55
N ARG A 307 1.44 -5.34 4.03
CA ARG A 307 0.16 -5.72 4.60
C ARG A 307 -0.10 -5.45 6.07
N ARG A 308 0.92 -5.68 6.90
CA ARG A 308 0.78 -5.50 8.34
C ARG A 308 1.50 -4.23 8.83
N ARG A 309 1.72 -3.29 7.92
CA ARG A 309 2.37 -2.02 8.19
C ARG A 309 1.87 -1.25 9.42
N HIS A 310 0.56 -1.32 9.65
CA HIS A 310 -0.06 -0.63 10.78
C HIS A 310 -0.43 -1.55 11.94
N HIS A 311 0.14 -2.74 11.99
CA HIS A 311 -0.24 -3.67 13.05
C HIS A 311 0.64 -3.82 14.29
N MET A 312 1.85 -3.26 14.27
CA MET A 312 2.71 -3.35 15.46
C MET A 312 1.96 -2.75 16.64
N ILE A 313 1.81 -3.52 17.72
CA ILE A 313 1.08 -3.03 18.89
C ILE A 313 1.97 -2.33 19.93
N THR A 314 3.12 -2.91 20.28
CA THR A 314 3.96 -2.27 21.28
C THR A 314 5.45 -2.57 21.18
N GLY A 315 6.26 -1.55 21.48
CA GLY A 315 7.71 -1.67 21.47
C GLY A 315 8.28 -0.86 22.62
N ARG A 316 9.57 -1.01 22.92
CA ARG A 316 10.19 -0.26 24.01
C ARG A 316 11.57 0.24 23.58
N MET A 317 11.85 1.51 23.82
CA MET A 317 13.13 2.10 23.45
C MET A 317 14.06 2.31 24.63
N ASP A 318 15.35 2.16 24.36
CA ASP A 318 16.37 2.31 25.38
C ASP A 318 17.12 3.62 25.16
N PHE A 319 17.06 4.46 26.19
CA PHE A 319 17.68 5.78 26.17
C PHE A 319 18.65 6.09 27.29
N CYS A 320 19.66 6.88 26.96
CA CYS A 320 20.58 7.39 27.96
C CYS A 320 20.14 8.84 28.11
N MET A 321 19.66 9.21 29.30
CA MET A 321 19.21 10.57 29.52
C MET A 321 19.84 11.26 30.74
N ASP A 322 20.56 12.35 30.48
CA ASP A 322 21.18 13.14 31.52
C ASP A 322 21.51 14.50 30.90
N GLU A 323 22.02 15.44 31.70
CA GLU A 323 22.36 16.79 31.22
C GLU A 323 23.06 16.83 29.85
N ARG A 324 23.74 15.75 29.47
CA ARG A 324 24.43 15.70 28.18
C ARG A 324 23.45 15.57 27.01
N GLY A 325 22.18 15.33 27.33
CA GLY A 325 21.18 15.18 26.28
C GLY A 325 20.44 13.86 26.30
N LEU A 326 19.87 13.49 25.16
CA LEU A 326 19.09 12.26 25.02
C LEU A 326 19.57 11.38 23.87
N LYS A 327 19.93 10.15 24.19
CA LYS A 327 20.41 9.23 23.16
C LYS A 327 19.64 7.92 23.18
N VAL A 328 19.59 7.26 22.03
CA VAL A 328 18.88 6.01 21.92
C VAL A 328 19.84 4.86 21.66
N TYR A 329 19.69 3.79 22.43
CA TYR A 329 20.58 2.65 22.27
C TYR A 329 20.01 1.67 21.27
N GLU A 330 18.77 1.27 21.52
CA GLU A 330 18.10 0.29 20.67
C GLU A 330 16.57 0.41 20.72
N TYR A 331 15.91 -0.33 19.85
CA TYR A 331 14.45 -0.35 19.80
C TYR A 331 14.01 -1.82 19.85
N ASN A 332 13.36 -2.21 20.94
CA ASN A 332 12.90 -3.57 21.07
C ASN A 332 11.54 -3.63 20.42
N ALA A 333 11.55 -3.77 19.10
CA ALA A 333 10.34 -3.83 18.30
C ALA A 333 9.73 -5.22 18.28
N ASP A 334 10.58 -6.25 18.11
CA ASP A 334 10.10 -7.62 18.08
C ASP A 334 9.30 -7.93 19.34
N SER A 335 9.96 -8.33 20.43
CA SER A 335 9.23 -8.59 21.68
C SER A 335 9.90 -7.79 22.79
N ALA A 336 9.08 -7.23 23.67
CA ALA A 336 9.60 -6.42 24.75
C ALA A 336 8.72 -6.50 25.99
N SER A 337 9.36 -6.57 27.16
CA SER A 337 8.64 -6.62 28.41
C SER A 337 8.86 -5.32 29.18
N CYS A 338 8.54 -5.33 30.47
CA CYS A 338 8.65 -4.18 31.38
C CYS A 338 7.25 -3.61 31.61
N HIS A 339 6.34 -3.96 30.70
CA HIS A 339 4.95 -3.51 30.75
C HIS A 339 4.29 -3.74 32.11
N THR A 340 4.43 -4.94 32.67
CA THR A 340 3.83 -5.25 33.96
C THR A 340 4.44 -4.35 35.05
N GLU A 341 5.75 -4.23 35.02
CA GLU A 341 6.44 -3.40 36.00
C GLU A 341 5.97 -1.94 35.95
N ALA A 342 6.35 -1.23 34.90
CA ALA A 342 6.01 0.17 34.74
C ALA A 342 4.51 0.47 34.81
N GLY A 343 3.71 -0.41 34.21
CA GLY A 343 2.27 -0.18 34.17
C GLY A 343 1.34 -0.75 35.22
N LEU A 344 1.82 -1.69 36.04
CA LEU A 344 0.98 -2.27 37.05
C LEU A 344 1.57 -2.23 38.46
N ILE A 345 2.74 -2.83 38.66
CA ILE A 345 3.35 -2.83 40.00
C ILE A 345 3.68 -1.39 40.41
N LEU A 346 4.30 -0.62 39.53
CA LEU A 346 4.62 0.76 39.87
C LEU A 346 3.36 1.57 40.15
N GLU A 347 2.22 1.07 39.68
CA GLU A 347 0.97 1.77 39.93
C GLU A 347 0.54 1.51 41.34
N ARG A 348 0.66 0.25 41.78
CA ARG A 348 0.30 -0.15 43.14
C ARG A 348 1.33 0.40 44.13
N TRP A 349 2.58 0.49 43.71
CA TRP A 349 3.66 1.02 44.53
C TRP A 349 3.28 2.45 44.90
N ALA A 350 2.94 3.21 43.86
CA ALA A 350 2.56 4.59 44.04
C ALA A 350 1.36 4.68 44.97
N GLU A 351 0.30 3.95 44.65
CA GLU A 351 -0.90 3.96 45.48
C GLU A 351 -0.59 3.57 46.90
N GLN A 352 0.51 2.87 47.10
CA GLN A 352 0.88 2.41 48.43
C GLN A 352 1.81 3.33 49.21
N GLY A 353 2.75 3.98 48.52
CA GLY A 353 3.69 4.82 49.24
C GLY A 353 3.84 6.28 48.86
N TYR A 354 3.33 6.64 47.68
CA TYR A 354 3.45 8.02 47.22
C TYR A 354 2.26 8.89 47.54
N LYS A 355 2.56 10.04 48.16
CA LYS A 355 1.54 11.01 48.56
C LYS A 355 1.90 12.40 48.02
N GLY A 356 2.74 12.44 46.98
CA GLY A 356 3.16 13.70 46.40
C GLY A 356 2.23 14.21 45.30
N ASN A 357 2.72 15.17 44.52
CA ASN A 357 1.93 15.74 43.43
C ASN A 357 2.37 15.13 42.10
N GLY A 358 3.54 14.50 42.10
CA GLY A 358 4.03 13.85 40.88
C GLY A 358 3.18 12.67 40.45
N PHE A 359 3.54 12.06 39.32
CA PHE A 359 2.78 10.91 38.81
C PHE A 359 3.64 9.88 38.11
N ASN A 360 3.08 8.67 37.98
CA ASN A 360 3.74 7.56 37.29
C ASN A 360 3.45 7.74 35.78
N PRO A 361 4.50 8.02 34.99
CA PRO A 361 4.43 8.23 33.54
C PRO A 361 3.99 7.02 32.73
N ALA A 362 3.64 5.94 33.41
CA ALA A 362 3.23 4.73 32.73
C ALA A 362 1.92 4.20 33.25
N GLU A 363 1.23 5.01 34.02
CA GLU A 363 -0.03 4.58 34.61
C GLU A 363 -1.13 4.36 33.58
N GLY A 364 -0.91 4.81 32.36
CA GLY A 364 -1.92 4.62 31.34
C GLY A 364 -1.47 3.58 30.32
N LEU A 365 -0.64 2.64 30.76
CA LEU A 365 -0.14 1.62 29.85
C LEU A 365 -1.17 0.55 29.50
N ILE A 366 -1.91 0.04 30.47
CA ILE A 366 -2.89 -1.00 30.16
C ILE A 366 -3.98 -0.51 29.21
N ASN A 367 -4.59 0.63 29.54
CA ASN A 367 -5.66 1.18 28.71
C ASN A 367 -5.11 1.51 27.32
N GLU A 368 -3.88 1.99 27.27
CA GLU A 368 -3.25 2.34 26.00
C GLU A 368 -3.09 1.09 25.14
N LEU A 369 -2.91 -0.06 25.79
CA LEU A 369 -2.76 -1.32 25.04
C LEU A 369 -4.10 -1.88 24.61
N ALA A 370 -5.11 -1.81 25.49
CA ALA A 370 -6.43 -2.30 25.13
C ALA A 370 -6.85 -1.52 23.89
N GLY A 371 -6.59 -0.21 23.93
CA GLY A 371 -6.93 0.65 22.82
C GLY A 371 -6.33 0.21 21.49
N ALA A 372 -5.03 -0.09 21.48
CA ALA A 372 -4.37 -0.52 20.24
C ALA A 372 -4.95 -1.84 19.73
N TRP A 373 -5.37 -2.70 20.65
CA TRP A 373 -5.96 -3.99 20.32
C TRP A 373 -7.35 -3.78 19.73
N LYS A 374 -8.14 -2.94 20.37
CA LYS A 374 -9.48 -2.67 19.89
C LYS A 374 -9.39 -2.34 18.40
N HIS A 375 -8.51 -1.40 18.07
CA HIS A 375 -8.32 -0.97 16.68
C HIS A 375 -7.43 -1.86 15.82
N SER A 376 -6.95 -2.98 16.35
CA SER A 376 -6.11 -3.84 15.54
C SER A 376 -7.03 -4.75 14.74
N ARG A 377 -6.52 -5.31 13.66
CA ARG A 377 -7.33 -6.20 12.86
C ARG A 377 -7.23 -7.62 13.42
N ALA A 378 -6.99 -7.74 14.71
CA ALA A 378 -6.86 -9.06 15.35
C ALA A 378 -8.16 -9.86 15.29
N ARG A 379 -8.07 -11.17 15.05
CA ARG A 379 -9.30 -11.98 15.00
C ARG A 379 -9.96 -11.98 16.38
N PRO A 380 -11.17 -12.56 16.51
CA PRO A 380 -11.93 -12.63 17.77
C PRO A 380 -11.20 -13.41 18.89
N PHE A 381 -10.72 -14.60 18.58
CA PHE A 381 -10.01 -15.38 19.59
C PHE A 381 -8.49 -15.36 19.36
N VAL A 382 -7.73 -14.96 20.36
CA VAL A 382 -6.30 -14.89 20.20
C VAL A 382 -5.58 -15.89 21.08
N HIS A 383 -4.69 -16.64 20.47
CA HIS A 383 -3.92 -17.62 21.20
C HIS A 383 -2.63 -16.87 21.59
N ILE A 384 -2.33 -16.87 22.89
CA ILE A 384 -1.16 -16.21 23.44
C ILE A 384 -0.04 -17.23 23.64
N MET A 385 0.99 -17.17 22.81
CA MET A 385 2.10 -18.10 22.89
C MET A 385 3.33 -17.57 23.63
N GLN A 386 3.71 -18.25 24.69
CA GLN A 386 4.87 -17.85 25.46
C GLN A 386 5.80 -19.03 25.70
N ASP A 387 7.09 -18.74 25.81
CA ASP A 387 8.08 -19.77 26.11
C ASP A 387 7.87 -20.00 27.60
N LYS A 388 8.51 -21.03 28.15
CA LYS A 388 8.38 -21.33 29.58
C LYS A 388 9.46 -20.59 30.40
N ASP A 389 9.20 -19.31 30.66
CA ASP A 389 10.06 -18.43 31.43
C ASP A 389 9.16 -17.81 32.49
N ILE A 390 9.67 -17.67 33.70
CA ILE A 390 8.83 -17.09 34.75
C ILE A 390 8.49 -15.62 34.58
N GLU A 391 9.30 -14.88 33.81
CA GLU A 391 8.99 -13.47 33.58
C GLU A 391 7.93 -13.41 32.49
N GLU A 392 8.14 -14.21 31.45
CA GLU A 392 7.19 -14.26 30.34
C GLU A 392 5.81 -14.70 30.89
N ASN A 393 5.84 -15.37 32.03
CA ASN A 393 4.62 -15.83 32.67
C ASN A 393 3.68 -14.70 33.07
N TYR A 394 4.20 -13.65 33.70
CA TYR A 394 3.31 -12.57 34.06
C TYR A 394 3.17 -11.59 32.91
N HIS A 395 4.12 -11.60 31.99
CA HIS A 395 4.02 -10.72 30.84
C HIS A 395 2.79 -11.17 30.03
N ALA A 396 2.73 -12.46 29.71
CA ALA A 396 1.63 -13.03 28.96
C ALA A 396 0.28 -12.69 29.60
N GLN A 397 0.19 -12.83 30.90
CA GLN A 397 -1.04 -12.54 31.60
C GLN A 397 -1.38 -11.06 31.60
N PHE A 398 -0.36 -10.21 31.47
CA PHE A 398 -0.57 -8.78 31.46
C PHE A 398 -1.11 -8.36 30.08
N MET A 399 -0.63 -9.05 29.05
CA MET A 399 -1.10 -8.77 27.71
C MET A 399 -2.51 -9.37 27.56
N GLU A 400 -2.77 -10.49 28.23
CA GLU A 400 -4.07 -11.11 28.13
C GLU A 400 -5.16 -10.23 28.73
N GLN A 401 -4.81 -9.44 29.73
CA GLN A 401 -5.79 -8.59 30.38
C GLN A 401 -6.07 -7.34 29.54
N ALA A 402 -5.14 -7.01 28.65
CA ALA A 402 -5.29 -5.85 27.77
C ALA A 402 -6.28 -6.22 26.67
N LEU A 403 -6.19 -7.47 26.24
CA LEU A 403 -7.04 -8.02 25.21
C LEU A 403 -8.45 -8.26 25.73
N HIS A 404 -8.56 -8.73 26.97
CA HIS A 404 -9.87 -8.99 27.54
C HIS A 404 -10.63 -7.68 27.71
N GLN A 405 -9.87 -6.60 27.86
CA GLN A 405 -10.44 -5.27 28.03
C GLN A 405 -10.88 -4.76 26.67
N ALA A 406 -10.08 -5.09 25.65
CA ALA A 406 -10.38 -4.70 24.28
C ALA A 406 -11.43 -5.69 23.76
N GLY A 407 -11.94 -6.50 24.68
CA GLY A 407 -12.96 -7.48 24.34
C GLY A 407 -12.56 -8.62 23.44
N PHE A 408 -11.48 -9.30 23.75
CA PHE A 408 -11.04 -10.44 22.95
C PHE A 408 -11.08 -11.67 23.83
N GLU A 409 -10.84 -12.83 23.24
CA GLU A 409 -10.82 -14.05 23.99
C GLU A 409 -9.45 -14.64 23.78
N THR A 410 -8.89 -15.18 24.85
CA THR A 410 -7.56 -15.72 24.78
C THR A 410 -7.35 -16.95 25.62
N ARG A 411 -6.33 -17.68 25.23
CA ARG A 411 -5.90 -18.89 25.91
C ARG A 411 -4.37 -18.78 25.87
N ILE A 412 -3.71 -19.02 26.98
CA ILE A 412 -2.26 -18.91 26.98
C ILE A 412 -1.65 -20.27 26.68
N LEU A 413 -0.57 -20.29 25.89
CA LEU A 413 0.09 -21.54 25.56
C LEU A 413 1.54 -21.45 25.94
N ARG A 414 1.93 -22.17 26.99
CA ARG A 414 3.32 -22.17 27.44
C ARG A 414 4.02 -23.34 26.75
N GLY A 415 4.89 -23.01 25.80
CA GLY A 415 5.58 -24.03 25.05
C GLY A 415 4.73 -24.43 23.87
N LEU A 416 5.07 -25.53 23.19
CA LEU A 416 4.29 -25.95 22.03
C LEU A 416 3.48 -27.25 22.28
N ASP A 417 3.85 -27.98 23.33
CA ASP A 417 3.20 -29.25 23.65
C ASP A 417 1.69 -29.33 23.51
N GLU A 418 0.97 -28.28 23.88
CA GLU A 418 -0.50 -28.28 23.80
C GLU A 418 -1.02 -28.12 22.37
N LEU A 419 -0.09 -27.97 21.43
CA LEU A 419 -0.44 -27.79 20.04
C LEU A 419 -0.44 -29.07 19.23
N GLY A 420 -1.27 -29.08 18.19
CA GLY A 420 -1.38 -30.23 17.32
C GLY A 420 -2.14 -29.89 16.05
N TRP A 421 -2.10 -30.81 15.09
CA TRP A 421 -2.78 -30.64 13.82
C TRP A 421 -4.13 -31.37 13.80
N GLN A 426 -4.04 -28.47 9.44
CA GLN A 426 -4.79 -27.53 10.31
C GLN A 426 -4.30 -27.50 11.78
N LEU A 427 -3.86 -26.33 12.21
CA LEU A 427 -3.33 -26.14 13.56
C LEU A 427 -4.43 -25.94 14.60
N ILE A 428 -4.38 -26.75 15.66
CA ILE A 428 -5.34 -26.66 16.75
C ILE A 428 -4.61 -26.72 18.09
N ASP A 429 -5.31 -26.31 19.14
CA ASP A 429 -4.73 -26.31 20.48
C ASP A 429 -5.17 -27.53 21.31
N GLY A 430 -5.00 -27.45 22.63
CA GLY A 430 -5.40 -28.52 23.51
C GLY A 430 -6.90 -28.81 23.36
N GLU A 431 -7.74 -27.91 23.84
CA GLU A 431 -9.19 -28.06 23.76
C GLU A 431 -9.78 -28.23 22.36
N GLY A 432 -8.96 -28.65 21.40
CA GLY A 432 -9.44 -28.86 20.05
C GLY A 432 -9.78 -27.64 19.20
N ARG A 433 -9.55 -26.44 19.75
CA ARG A 433 -9.84 -25.20 19.04
C ARG A 433 -8.85 -24.83 17.93
N LEU A 434 -9.33 -24.07 16.95
CA LEU A 434 -8.50 -23.62 15.82
C LEU A 434 -7.59 -22.46 16.21
N VAL A 435 -6.35 -22.53 15.74
CA VAL A 435 -5.34 -21.50 15.98
C VAL A 435 -5.18 -20.66 14.72
N ASN A 436 -5.82 -19.49 14.70
CA ASN A 436 -5.72 -18.61 13.55
C ASN A 436 -5.21 -17.19 13.87
N CYS A 437 -5.03 -16.89 15.16
CA CYS A 437 -4.53 -15.58 15.57
C CYS A 437 -3.61 -15.71 16.77
N VAL A 438 -2.36 -15.31 16.61
CA VAL A 438 -1.39 -15.45 17.68
C VAL A 438 -0.58 -14.24 18.15
N TRP A 439 -0.52 -14.06 19.47
CA TRP A 439 0.32 -13.03 20.04
C TRP A 439 1.50 -13.81 20.68
N LYS A 440 2.71 -13.51 20.26
CA LYS A 440 3.88 -14.22 20.74
C LYS A 440 4.81 -13.41 21.64
N THR A 441 5.37 -14.08 22.64
CA THR A 441 6.34 -13.45 23.50
C THR A 441 7.62 -14.08 22.98
N TRP A 442 7.45 -15.00 22.02
CA TRP A 442 8.57 -15.68 21.37
C TRP A 442 9.24 -14.64 20.48
N ALA A 443 10.55 -14.75 20.31
CA ALA A 443 11.28 -13.83 19.46
C ALA A 443 11.35 -14.42 18.06
N TRP A 444 11.11 -13.60 17.05
CA TRP A 444 11.16 -14.07 15.68
C TRP A 444 12.48 -14.77 15.37
N GLU A 445 13.55 -14.37 16.05
CA GLU A 445 14.88 -14.95 15.83
C GLU A 445 14.90 -16.44 16.16
N THR A 446 14.18 -16.82 17.21
CA THR A 446 14.13 -18.21 17.58
C THR A 446 13.55 -19.04 16.46
N ALA A 447 12.51 -18.51 15.81
CA ALA A 447 11.90 -19.19 14.69
C ALA A 447 12.88 -19.20 13.51
N PHE A 448 13.75 -18.19 13.42
CA PHE A 448 14.70 -18.12 12.33
C PHE A 448 15.80 -19.14 12.49
N ASP A 449 15.98 -19.61 13.72
CA ASP A 449 16.99 -20.63 14.01
C ASP A 449 16.51 -21.99 13.48
N GLN A 450 15.23 -22.28 13.73
CA GLN A 450 14.63 -23.54 13.26
C GLN A 450 14.71 -23.62 11.74
N ILE A 451 15.02 -22.51 11.09
CA ILE A 451 15.17 -22.51 9.65
C ILE A 451 16.65 -22.58 9.37
N ARG A 452 17.45 -21.78 10.08
CA ARG A 452 18.89 -21.80 9.89
C ARG A 452 19.43 -23.22 10.07
N GLU A 453 18.91 -23.93 11.08
CA GLU A 453 19.35 -25.30 11.37
C GLU A 453 19.07 -26.31 10.25
N VAL A 454 17.95 -26.16 9.56
CA VAL A 454 17.59 -27.06 8.46
C VAL A 454 18.18 -26.58 7.13
N PHE A 459 15.28 -26.10 -0.61
CA PHE A 459 13.79 -26.07 -0.49
C PHE A 459 13.11 -24.92 -1.29
N ALA A 460 11.82 -25.09 -1.54
CA ALA A 460 11.03 -24.12 -2.32
C ALA A 460 10.23 -23.14 -1.48
N ALA A 461 10.31 -23.29 -0.18
CA ALA A 461 9.54 -22.41 0.70
C ALA A 461 10.04 -22.59 2.12
N VAL A 462 9.41 -21.89 3.06
CA VAL A 462 9.78 -22.03 4.44
C VAL A 462 9.46 -23.48 4.76
N PRO A 463 10.44 -24.22 5.27
CA PRO A 463 10.29 -25.63 5.62
C PRO A 463 9.44 -25.90 6.87
N ILE A 464 8.14 -25.64 6.76
CA ILE A 464 7.23 -25.87 7.88
C ILE A 464 6.44 -27.15 7.67
N ARG A 465 6.09 -27.81 8.78
CA ARG A 465 5.31 -29.03 8.71
C ARG A 465 3.85 -28.70 8.84
N THR A 466 3.00 -29.44 8.13
CA THR A 466 1.56 -29.24 8.21
C THR A 466 0.98 -30.60 8.58
N GLY A 467 1.90 -31.51 8.93
CA GLY A 467 1.53 -32.84 9.32
C GLY A 467 2.75 -33.52 9.94
N HIS A 468 2.51 -34.41 10.90
CA HIS A 468 3.61 -35.11 11.56
C HIS A 468 3.09 -36.35 12.30
N PRO A 469 3.73 -37.51 12.06
CA PRO A 469 3.40 -38.81 12.66
C PRO A 469 3.12 -38.79 14.16
N GLN A 470 4.00 -38.14 14.92
CA GLN A 470 3.84 -38.04 16.36
C GLN A 470 3.33 -36.66 16.75
N ASN A 471 2.48 -36.09 15.89
CA ASN A 471 1.89 -34.77 16.08
C ASN A 471 2.79 -33.78 16.82
N GLU A 472 3.99 -33.57 16.29
CA GLU A 472 4.94 -32.65 16.92
C GLU A 472 5.07 -31.30 16.17
N VAL A 473 4.43 -30.27 16.73
CA VAL A 473 4.45 -28.92 16.16
C VAL A 473 5.67 -28.15 16.67
N ARG A 474 6.35 -27.41 15.80
CA ARG A 474 7.50 -26.59 16.20
C ARG A 474 7.04 -25.14 16.21
N LEU A 475 7.96 -24.20 16.44
CA LEU A 475 7.60 -22.78 16.46
C LEU A 475 7.30 -22.25 15.06
N ILE A 476 8.23 -22.48 14.13
CA ILE A 476 8.06 -22.06 12.74
C ILE A 476 6.80 -22.66 12.16
N ASP A 477 6.37 -23.78 12.71
CA ASP A 477 5.17 -24.47 12.24
C ASP A 477 3.89 -23.71 12.60
N VAL A 478 4.00 -22.69 13.44
CA VAL A 478 2.84 -21.89 13.81
C VAL A 478 2.91 -20.42 13.33
N LEU A 479 4.06 -19.79 13.53
CA LEU A 479 4.22 -18.38 13.15
C LEU A 479 4.33 -18.15 11.67
N LEU A 480 4.80 -19.14 10.92
CA LEU A 480 4.92 -18.97 9.48
C LEU A 480 3.85 -19.67 8.66
N ARG A 481 2.85 -20.23 9.32
CA ARG A 481 1.78 -20.85 8.56
C ARG A 481 0.95 -19.68 8.04
N PRO A 482 0.74 -19.63 6.72
CA PRO A 482 -0.01 -18.59 6.00
C PRO A 482 -1.35 -18.10 6.55
N GLU A 483 -2.13 -18.95 7.21
CA GLU A 483 -3.41 -18.51 7.74
C GLU A 483 -3.39 -17.97 9.17
N VAL A 484 -2.24 -18.01 9.84
CA VAL A 484 -2.19 -17.51 11.21
C VAL A 484 -1.85 -16.02 11.29
N LEU A 485 -2.72 -15.25 11.93
CA LEU A 485 -2.52 -13.81 12.11
C LEU A 485 -1.59 -13.61 13.33
N VAL A 486 -0.39 -13.09 13.08
CA VAL A 486 0.60 -12.94 14.15
C VAL A 486 1.06 -11.52 14.56
N PHE A 487 1.17 -11.31 15.87
CA PHE A 487 1.64 -10.05 16.45
C PHE A 487 2.80 -10.41 17.42
N GLU A 488 3.95 -9.74 17.32
CA GLU A 488 4.20 -8.67 16.38
C GLU A 488 4.48 -9.21 14.99
N PRO A 489 4.03 -8.50 13.95
CA PRO A 489 4.21 -8.90 12.54
C PRO A 489 5.68 -9.19 12.23
N LEU A 490 5.90 -9.97 11.19
CA LEU A 490 7.24 -10.35 10.78
C LEU A 490 8.19 -9.22 10.38
N TRP A 491 7.65 -8.08 9.94
CA TRP A 491 8.54 -6.99 9.51
C TRP A 491 9.21 -6.32 10.70
N THR A 492 8.55 -6.38 11.85
CA THR A 492 9.14 -5.76 13.03
C THR A 492 10.53 -6.30 13.33
N VAL A 493 10.88 -7.47 12.82
CA VAL A 493 12.22 -7.98 13.11
C VAL A 493 13.30 -7.19 12.41
N ILE A 494 12.92 -6.21 11.61
CA ILE A 494 13.95 -5.41 10.94
C ILE A 494 14.34 -4.21 11.81
N PRO A 495 13.37 -3.43 12.31
CA PRO A 495 13.75 -2.29 13.13
C PRO A 495 14.18 -2.80 14.51
N GLY A 496 13.97 -4.09 14.73
CA GLY A 496 14.31 -4.72 15.99
C GLY A 496 15.70 -5.32 15.98
N ASN A 497 16.33 -5.36 14.81
CA ASN A 497 17.68 -5.91 14.68
C ASN A 497 18.63 -4.72 14.66
N LYS A 498 19.71 -4.79 15.44
CA LYS A 498 20.66 -3.69 15.50
C LYS A 498 21.39 -3.32 14.21
N ALA A 499 21.36 -4.20 13.22
CA ALA A 499 22.02 -3.88 11.96
C ALA A 499 21.28 -2.71 11.31
N ILE A 500 20.22 -2.25 11.95
CA ILE A 500 19.43 -1.15 11.43
C ILE A 500 20.07 0.17 11.83
N LEU A 501 20.83 0.15 12.92
CA LEU A 501 21.46 1.34 13.45
C LEU A 501 22.42 2.05 12.49
N PRO A 502 23.31 1.32 11.80
CA PRO A 502 24.21 2.02 10.88
C PRO A 502 23.40 2.66 9.75
N ILE A 503 22.23 2.08 9.48
CA ILE A 503 21.32 2.55 8.44
C ILE A 503 20.64 3.85 8.91
N LEU A 504 20.30 3.88 10.20
CA LEU A 504 19.67 5.05 10.81
C LEU A 504 20.67 6.17 10.69
N TRP A 505 21.89 5.92 11.17
CA TRP A 505 22.94 6.91 11.10
C TRP A 505 23.03 7.41 9.67
N SER A 506 23.08 6.46 8.75
CA SER A 506 23.17 6.77 7.33
C SER A 506 22.09 7.72 6.81
N LEU A 507 20.84 7.49 7.16
CA LEU A 507 19.71 8.31 6.70
C LEU A 507 19.57 9.65 7.45
N PHE A 508 20.04 9.70 8.68
CA PHE A 508 19.94 10.92 9.47
C PHE A 508 21.25 11.18 10.20
N PRO A 509 22.34 11.35 9.43
CA PRO A 509 23.66 11.60 10.01
C PRO A 509 23.58 12.68 11.09
N HIS A 510 24.37 12.53 12.14
CA HIS A 510 24.40 13.48 13.25
C HIS A 510 23.06 13.92 13.82
N HIS A 511 22.03 13.10 13.65
CA HIS A 511 20.73 13.42 14.22
C HIS A 511 20.91 13.56 15.73
N ARG A 512 20.31 14.57 16.33
CA ARG A 512 20.49 14.81 17.76
C ARG A 512 20.27 13.61 18.70
N TYR A 513 19.38 12.69 18.33
CA TYR A 513 19.11 11.54 19.21
C TYR A 513 19.90 10.27 18.88
N LEU A 514 20.64 10.28 17.78
CA LEU A 514 21.40 9.10 17.39
C LEU A 514 22.85 9.08 17.85
N LEU A 515 23.45 7.89 17.75
CA LEU A 515 24.86 7.69 18.09
C LEU A 515 25.50 7.11 16.85
N ASP A 516 26.74 7.49 16.57
CA ASP A 516 27.42 6.98 15.41
C ASP A 516 27.51 5.45 15.54
N THR A 517 27.00 4.73 14.55
CA THR A 517 27.07 3.28 14.58
C THR A 517 27.62 2.81 13.25
N ASP A 518 28.42 1.75 13.26
CA ASP A 518 29.02 1.21 12.03
C ASP A 518 29.18 -0.31 12.15
N PHE A 519 29.44 -0.98 11.02
CA PHE A 519 29.64 -2.42 11.04
C PHE A 519 31.10 -2.77 11.22
N THR A 520 31.91 -1.75 11.46
CA THR A 520 33.35 -1.93 11.68
C THR A 520 33.72 -0.83 12.66
N VAL A 521 34.96 -0.83 13.13
CA VAL A 521 35.37 0.25 14.02
C VAL A 521 36.17 1.22 13.17
N ASN A 522 35.59 2.37 12.86
CA ASN A 522 36.28 3.37 12.06
C ASN A 522 37.02 4.34 12.96
N ASP A 523 37.74 5.28 12.35
CA ASP A 523 38.53 6.24 13.12
C ASP A 523 37.71 7.07 14.10
N GLU A 524 36.54 7.54 13.66
CA GLU A 524 35.70 8.35 14.51
C GLU A 524 35.18 7.62 15.76
N LEU A 525 35.09 6.30 15.71
CA LEU A 525 34.62 5.53 16.86
C LEU A 525 35.77 5.25 17.82
N VAL A 526 36.99 5.24 17.29
CA VAL A 526 38.16 4.98 18.12
C VAL A 526 38.41 6.14 19.06
N LYS A 527 38.15 7.35 18.59
CA LYS A 527 38.36 8.53 19.39
C LYS A 527 37.33 8.60 20.52
N THR A 528 36.06 8.42 20.15
CA THR A 528 34.95 8.48 21.11
C THR A 528 34.84 7.25 22.02
N GLY A 529 35.20 6.09 21.48
CA GLY A 529 35.09 4.86 22.23
C GLY A 529 33.81 4.23 21.71
N TYR A 530 33.61 2.93 21.95
CA TYR A 530 32.42 2.28 21.42
C TYR A 530 31.93 1.02 22.15
N ALA A 531 30.66 0.72 21.92
CA ALA A 531 30.04 -0.47 22.47
C ALA A 531 29.91 -1.49 21.34
N VAL A 532 30.32 -2.73 21.59
CA VAL A 532 30.19 -3.79 20.60
C VAL A 532 28.88 -4.49 20.98
N LYS A 533 28.04 -4.71 19.97
CA LYS A 533 26.73 -5.32 20.20
C LYS A 533 26.31 -6.25 19.07
N PRO A 534 25.83 -7.47 19.43
CA PRO A 534 25.38 -8.46 18.44
C PRO A 534 24.10 -7.91 17.78
N ILE A 535 23.95 -8.10 16.47
CA ILE A 535 22.79 -7.52 15.79
C ILE A 535 21.44 -8.10 16.16
N ALA A 536 21.46 -9.31 16.74
CA ALA A 536 20.22 -9.97 17.13
C ALA A 536 20.19 -10.44 18.60
N GLY A 537 20.96 -9.78 19.46
CA GLY A 537 20.99 -10.16 20.86
C GLY A 537 19.93 -9.47 21.68
N ARG A 538 20.10 -9.45 23.00
CA ARG A 538 19.15 -8.81 23.90
C ARG A 538 19.55 -9.06 25.33
N CYS A 539 18.94 -8.33 26.25
CA CYS A 539 19.24 -8.51 27.66
C CYS A 539 20.72 -8.25 27.96
N GLY A 540 21.32 -7.41 27.11
CA GLY A 540 22.72 -7.07 27.28
C GLY A 540 23.67 -8.25 27.25
N SER A 541 23.48 -9.14 26.28
CA SER A 541 24.33 -10.31 26.17
C SER A 541 25.45 -10.02 25.21
N ASN A 542 26.65 -10.46 25.57
CA ASN A 542 27.81 -10.29 24.72
C ASN A 542 28.04 -8.84 24.33
N ILE A 543 28.11 -7.97 25.33
CA ILE A 543 28.34 -6.55 25.09
C ILE A 543 29.70 -6.10 25.58
N ASP A 544 30.37 -5.31 24.75
CA ASP A 544 31.69 -4.81 25.07
C ASP A 544 31.76 -3.28 25.01
N LEU A 545 32.13 -2.67 26.12
CA LEU A 545 32.27 -1.23 26.21
C LEU A 545 33.74 -0.87 26.22
N VAL A 546 34.17 -0.04 25.27
CA VAL A 546 35.57 0.39 25.20
C VAL A 546 35.62 1.91 25.23
N SER A 547 36.53 2.48 26.01
CA SER A 547 36.65 3.93 26.13
C SER A 547 37.59 4.49 25.07
N HIS A 548 37.69 5.82 25.02
CA HIS A 548 38.57 6.47 24.06
C HIS A 548 40.01 6.06 24.36
N HIS A 549 40.26 5.72 25.63
CA HIS A 549 41.56 5.29 26.09
C HIS A 549 41.77 3.84 25.61
N GLU A 550 40.91 3.41 24.70
CA GLU A 550 40.97 2.05 24.16
C GLU A 550 40.86 0.99 25.25
N GLU A 551 40.30 1.36 26.40
CA GLU A 551 40.17 0.43 27.50
C GLU A 551 38.78 -0.20 27.68
N VAL A 552 38.76 -1.52 27.82
CA VAL A 552 37.51 -2.25 28.00
C VAL A 552 36.88 -1.91 29.34
N LEU A 553 35.84 -1.08 29.31
CA LEU A 553 35.16 -0.70 30.53
C LEU A 553 34.29 -1.83 31.09
N ASP A 554 33.74 -2.66 30.22
CA ASP A 554 32.89 -3.75 30.68
C ASP A 554 32.60 -4.80 29.60
N LYS A 555 32.35 -6.02 30.05
CA LYS A 555 32.06 -7.14 29.16
C LYS A 555 30.96 -8.02 29.74
N THR A 556 30.27 -8.72 28.87
CA THR A 556 29.24 -9.65 29.30
C THR A 556 29.36 -10.80 28.34
N SER A 557 28.78 -11.92 28.73
CA SER A 557 28.79 -13.11 27.92
C SER A 557 27.34 -13.34 27.51
N GLY A 558 27.09 -14.40 26.76
CA GLY A 558 25.75 -14.72 26.32
C GLY A 558 25.83 -15.76 25.24
N LYS A 559 24.68 -16.21 24.76
CA LYS A 559 24.63 -17.23 23.72
C LYS A 559 24.81 -16.64 22.30
N PHE A 560 24.80 -15.33 22.20
CA PHE A 560 24.93 -14.66 20.90
C PHE A 560 26.35 -14.28 20.51
N ALA A 561 27.34 -14.96 21.08
CA ALA A 561 28.72 -14.63 20.78
C ALA A 561 29.11 -14.68 19.31
N GLU A 562 28.52 -15.61 18.57
CA GLU A 562 28.86 -15.79 17.18
C GLU A 562 28.17 -14.93 16.12
N GLN A 563 27.16 -14.15 16.52
CA GLN A 563 26.44 -13.28 15.58
C GLN A 563 27.30 -12.10 15.09
N LYS A 564 26.85 -11.45 14.02
CA LYS A 564 27.57 -10.27 13.49
C LYS A 564 27.41 -9.17 14.51
N ASN A 565 28.35 -8.23 14.54
CA ASN A 565 28.29 -7.12 15.49
C ASN A 565 28.10 -5.73 14.87
N ILE A 566 27.69 -4.79 15.69
CA ILE A 566 27.56 -3.41 15.23
C ILE A 566 28.44 -2.66 16.23
N TYR A 567 29.03 -1.55 15.80
CA TYR A 567 29.86 -0.78 16.70
C TYR A 567 29.24 0.61 16.84
N GLN A 568 28.81 0.91 18.05
CA GLN A 568 28.16 2.18 18.32
C GLN A 568 28.87 3.06 19.33
N GLN A 569 29.01 4.34 18.95
CA GLN A 569 29.65 5.34 19.79
C GLN A 569 29.33 5.16 21.27
N LEU A 570 30.38 5.19 22.10
CA LEU A 570 30.21 5.01 23.53
C LEU A 570 29.53 6.22 24.13
N TRP A 571 28.64 5.96 25.08
CA TRP A 571 27.87 6.99 25.74
C TRP A 571 27.28 6.30 26.96
N CYS A 572 28.04 6.33 28.05
CA CYS A 572 27.68 5.67 29.29
C CYS A 572 26.57 6.24 30.16
N LEU A 573 25.74 5.32 30.66
CA LEU A 573 24.61 5.64 31.53
C LEU A 573 25.02 6.52 32.68
N PRO A 574 24.10 7.36 33.15
CA PRO A 574 24.45 8.22 34.28
C PRO A 574 24.35 7.41 35.57
N LYS A 575 25.14 7.77 36.56
CA LYS A 575 25.07 7.10 37.85
C LYS A 575 24.36 8.03 38.83
N VAL A 576 23.31 7.53 39.48
CA VAL A 576 22.55 8.32 40.43
C VAL A 576 22.15 7.43 41.59
N ASP A 577 22.65 7.80 42.78
CA ASP A 577 22.40 7.05 44.01
C ASP A 577 22.89 5.62 43.94
N GLY A 578 24.15 5.46 43.54
CA GLY A 578 24.75 4.14 43.48
C GLY A 578 24.27 3.19 42.40
N LYS A 579 23.44 3.66 41.49
CA LYS A 579 22.97 2.81 40.41
C LYS A 579 23.04 3.56 39.09
N TYR A 580 23.33 2.85 38.01
CA TYR A 580 23.34 3.46 36.68
C TYR A 580 21.90 3.33 36.18
N ILE A 581 21.26 4.48 36.00
CA ILE A 581 19.89 4.53 35.55
C ILE A 581 19.76 4.63 34.02
N GLN A 582 18.77 3.93 33.49
CA GLN A 582 18.50 3.99 32.07
C GLN A 582 17.03 4.34 31.88
N VAL A 583 16.74 5.13 30.84
CA VAL A 583 15.36 5.52 30.58
C VAL A 583 14.79 4.73 29.40
N CYS A 584 13.59 4.19 29.58
CA CYS A 584 12.94 3.41 28.55
C CYS A 584 11.54 3.94 28.29
N THR A 585 11.19 4.06 27.03
CA THR A 585 9.85 4.53 26.67
C THR A 585 9.16 3.42 25.90
N PHE A 586 7.86 3.28 26.13
CA PHE A 586 7.07 2.27 25.43
C PHE A 586 6.38 2.89 24.23
N THR A 587 6.37 2.15 23.11
CA THR A 587 5.64 2.66 21.95
C THR A 587 4.38 1.82 21.91
N VAL A 588 3.24 2.47 21.79
CA VAL A 588 1.99 1.73 21.70
C VAL A 588 1.26 2.18 20.43
N GLY A 589 1.31 1.32 19.40
CA GLY A 589 0.68 1.64 18.14
C GLY A 589 1.40 2.79 17.46
N GLY A 590 2.70 2.88 17.70
CA GLY A 590 3.51 3.92 17.10
C GLY A 590 3.73 5.18 17.92
N ASN A 591 3.07 5.30 19.07
CA ASN A 591 3.26 6.49 19.89
C ASN A 591 3.56 6.20 21.37
N TYR A 592 4.24 7.17 22.00
CA TYR A 592 4.61 7.11 23.40
C TYR A 592 3.47 6.55 24.23
N GLY A 593 3.77 5.57 25.08
CA GLY A 593 2.74 4.97 25.92
C GLY A 593 3.18 5.00 27.37
N GLY A 594 4.41 5.43 27.58
CA GLY A 594 4.91 5.52 28.94
C GLY A 594 6.42 5.59 28.97
N THR A 595 6.93 5.72 30.20
CA THR A 595 8.37 5.78 30.46
C THR A 595 8.65 4.98 31.73
N CYS A 596 9.83 4.39 31.80
CA CYS A 596 10.20 3.65 32.99
C CYS A 596 11.72 3.60 33.10
N LEU A 597 12.21 3.07 34.22
CA LEU A 597 13.63 2.98 34.48
C LEU A 597 14.11 1.56 34.74
N ARG A 598 15.37 1.31 34.39
CA ARG A 598 16.04 0.05 34.65
C ARG A 598 17.28 0.62 35.35
N GLY A 599 17.78 -0.04 36.40
CA GLY A 599 18.95 0.46 37.09
C GLY A 599 19.86 -0.66 37.54
N ASP A 600 21.14 -0.56 37.22
CA ASP A 600 22.07 -1.61 37.58
C ASP A 600 23.42 -1.10 38.10
N GLU A 601 24.03 -1.90 38.98
CA GLU A 601 25.33 -1.60 39.59
C GLU A 601 26.44 -1.53 38.55
N SER A 602 26.15 -1.97 37.33
CA SER A 602 27.12 -1.94 36.24
C SER A 602 26.66 -1.02 35.12
N LEU A 603 27.55 -0.79 34.16
CA LEU A 603 27.26 0.08 33.03
C LEU A 603 26.32 -0.56 32.03
N VAL A 604 26.16 -1.87 32.12
CA VAL A 604 25.32 -2.61 31.20
C VAL A 604 24.05 -3.21 31.83
N ILE A 605 22.88 -2.85 31.28
CA ILE A 605 21.60 -3.34 31.78
C ILE A 605 21.41 -4.78 31.33
N LYS A 606 20.78 -5.60 32.16
CA LYS A 606 20.56 -7.01 31.83
C LYS A 606 19.13 -7.46 32.16
N LYS A 607 18.79 -8.65 31.70
CA LYS A 607 17.46 -9.18 31.99
C LYS A 607 17.13 -8.98 33.48
N GLU A 608 18.14 -9.11 34.33
CA GLU A 608 17.94 -8.96 35.77
C GLU A 608 17.78 -7.52 36.30
N SER A 609 18.51 -6.58 35.70
CA SER A 609 18.42 -5.19 36.11
C SER A 609 16.98 -4.88 36.49
N ASP A 610 16.79 -4.30 37.69
CA ASP A 610 15.48 -3.97 38.21
C ASP A 610 14.81 -2.74 37.63
N ILE A 611 13.53 -2.60 37.97
CA ILE A 611 12.74 -1.47 37.53
C ILE A 611 12.57 -0.63 38.78
N GLU A 612 13.06 0.60 38.71
CA GLU A 612 13.00 1.54 39.81
C GLU A 612 11.74 2.40 39.71
N PRO A 613 11.14 2.75 40.86
CA PRO A 613 9.93 3.58 40.77
C PRO A 613 10.30 4.93 40.13
N LEU A 614 9.44 5.46 39.27
CA LEU A 614 9.67 6.75 38.64
C LEU A 614 8.48 7.67 38.76
N ILE A 615 8.71 8.89 39.24
CA ILE A 615 7.66 9.89 39.32
C ILE A 615 8.06 11.14 38.52
N VAL A 616 7.11 11.68 37.76
CA VAL A 616 7.35 12.90 36.98
C VAL A 616 6.80 14.07 37.76
N VAL A 617 7.57 15.15 37.81
CA VAL A 617 7.12 16.33 38.54
C VAL A 617 7.27 17.64 37.78
N LYS A 618 6.36 18.56 38.09
CA LYS A 618 6.36 19.88 37.50
C LYS A 618 6.70 20.86 38.62
N PHE B 12 -15.79 -30.95 -4.25
CA PHE B 12 -15.32 -29.59 -4.69
C PHE B 12 -15.11 -28.67 -3.51
N GLY B 13 -13.88 -28.19 -3.34
CA GLY B 13 -13.59 -27.29 -2.25
C GLY B 13 -12.92 -27.98 -1.09
N THR B 14 -12.92 -29.31 -1.12
CA THR B 14 -12.32 -30.11 -0.07
C THR B 14 -10.83 -29.90 0.05
N LEU B 15 -10.35 -29.80 1.30
CA LEU B 15 -8.94 -29.60 1.54
C LEU B 15 -8.21 -30.94 1.46
N LEU B 16 -7.33 -31.09 0.47
CA LEU B 16 -6.59 -32.35 0.32
C LEU B 16 -5.25 -32.32 1.05
N GLY B 17 -4.51 -31.22 0.89
CA GLY B 17 -3.22 -31.12 1.53
C GLY B 17 -2.56 -29.78 1.37
N TYR B 18 -1.26 -29.74 1.59
CA TYR B 18 -0.52 -28.50 1.48
C TYR B 18 0.81 -28.69 0.79
N ALA B 19 1.10 -27.79 -0.12
CA ALA B 19 2.36 -27.81 -0.82
C ALA B 19 3.36 -27.15 0.14
N PRO B 20 4.64 -27.13 -0.24
CA PRO B 20 5.69 -26.51 0.59
C PRO B 20 5.38 -25.07 1.02
N GLY B 21 5.69 -24.77 2.27
CA GLY B 21 5.46 -23.44 2.83
C GLY B 21 4.14 -23.40 3.57
N GLY B 22 3.31 -24.40 3.32
CA GLY B 22 1.99 -24.48 3.93
C GLY B 22 0.97 -23.90 2.97
N VAL B 23 1.03 -24.30 1.69
CA VAL B 23 0.12 -23.80 0.66
C VAL B 23 -1.00 -24.78 0.32
N ALA B 24 -2.21 -24.47 0.77
CA ALA B 24 -3.37 -25.33 0.53
C ALA B 24 -3.57 -25.81 -0.90
N ILE B 25 -4.27 -26.93 -1.00
CA ILE B 25 -4.59 -27.56 -2.27
C ILE B 25 -6.00 -28.12 -2.15
N TYR B 26 -6.91 -27.58 -2.93
CA TYR B 26 -8.27 -28.02 -2.89
C TYR B 26 -8.64 -28.82 -4.12
N SER B 27 -9.72 -29.57 -3.99
CA SER B 27 -10.27 -30.40 -5.04
C SER B 27 -11.20 -29.55 -5.91
N SER B 28 -11.05 -29.67 -7.22
CA SER B 28 -11.89 -28.90 -8.14
C SER B 28 -12.89 -29.78 -8.89
N ASP B 29 -13.49 -30.73 -8.18
CA ASP B 29 -14.48 -31.60 -8.80
C ASP B 29 -15.68 -30.73 -9.17
N TYR B 30 -16.78 -31.36 -9.55
CA TYR B 30 -17.99 -30.62 -9.90
C TYR B 30 -19.21 -31.52 -9.82
N SER B 31 -20.39 -30.91 -9.72
CA SER B 31 -21.63 -31.68 -9.63
C SER B 31 -22.87 -30.75 -9.62
N VAL B 43 -18.53 -16.11 -7.17
CA VAL B 43 -18.04 -16.81 -5.95
C VAL B 43 -16.95 -17.83 -6.29
N PHE B 44 -16.65 -17.97 -7.57
CA PHE B 44 -15.62 -18.91 -8.01
C PHE B 44 -14.25 -18.26 -8.11
N ARG B 45 -14.18 -16.97 -7.79
CA ARG B 45 -12.92 -16.24 -7.85
C ARG B 45 -12.14 -16.47 -6.57
N SER B 46 -10.83 -16.46 -6.66
CA SER B 46 -9.98 -16.66 -5.51
C SER B 46 -9.04 -15.47 -5.35
N TYR B 47 -9.15 -14.81 -4.19
CA TYR B 47 -8.30 -13.65 -3.86
C TYR B 47 -7.55 -13.88 -2.55
N ILE B 48 -6.48 -13.11 -2.37
CA ILE B 48 -5.69 -13.09 -1.15
C ILE B 48 -5.53 -11.59 -1.03
N ASP B 49 -6.51 -10.97 -0.37
CA ASP B 49 -6.58 -9.52 -0.22
C ASP B 49 -7.23 -9.02 -1.50
N ASP B 50 -6.63 -8.01 -2.12
CA ASP B 50 -7.20 -7.47 -3.35
C ASP B 50 -6.52 -8.05 -4.58
N GLU B 51 -5.64 -9.03 -4.36
CA GLU B 51 -4.93 -9.63 -5.47
C GLU B 51 -5.62 -10.92 -5.88
N TYR B 52 -5.98 -10.96 -7.16
CA TYR B 52 -6.67 -12.08 -7.80
C TYR B 52 -5.72 -13.28 -8.03
N MET B 53 -6.10 -14.44 -7.48
CA MET B 53 -5.30 -15.66 -7.62
C MET B 53 -5.68 -16.54 -8.81
N GLY B 54 -6.98 -16.63 -9.06
CA GLY B 54 -7.47 -17.45 -10.16
C GLY B 54 -8.86 -17.97 -9.86
N HIS B 55 -9.33 -18.84 -10.74
CA HIS B 55 -10.66 -19.42 -10.64
C HIS B 55 -10.63 -20.76 -9.86
N LYS B 56 -11.41 -20.85 -8.79
CA LYS B 56 -11.47 -22.06 -7.98
C LYS B 56 -12.05 -23.22 -8.77
N TRP B 57 -11.38 -24.38 -8.73
CA TRP B 57 -10.09 -24.53 -8.07
C TRP B 57 -9.16 -25.13 -9.11
N GLN B 58 -8.88 -24.31 -10.11
CA GLN B 58 -8.06 -24.73 -11.21
C GLN B 58 -6.57 -24.90 -10.93
N CYS B 59 -5.84 -25.38 -11.94
CA CYS B 59 -4.41 -25.61 -11.82
C CYS B 59 -3.65 -24.31 -11.73
N VAL B 60 -4.10 -23.32 -12.51
CA VAL B 60 -3.48 -21.99 -12.55
C VAL B 60 -3.64 -21.24 -11.24
N GLU B 61 -4.82 -21.37 -10.62
CA GLU B 61 -5.06 -20.71 -9.36
C GLU B 61 -4.01 -21.16 -8.33
N PHE B 62 -3.73 -22.47 -8.28
CA PHE B 62 -2.75 -22.95 -7.32
C PHE B 62 -1.34 -22.41 -7.59
N ALA B 63 -0.90 -22.55 -8.84
CA ALA B 63 0.42 -22.12 -9.24
C ALA B 63 0.67 -20.63 -9.03
N ARG B 64 -0.40 -19.84 -9.02
CA ARG B 64 -0.25 -18.41 -8.82
C ARG B 64 -0.21 -18.12 -7.31
N ARG B 65 -1.13 -18.73 -6.57
CA ARG B 65 -1.23 -18.60 -5.12
C ARG B 65 0.02 -19.15 -4.43
N PHE B 66 0.62 -20.17 -5.01
CA PHE B 66 1.83 -20.75 -4.47
C PHE B 66 2.95 -19.72 -4.65
N LEU B 67 2.97 -19.07 -5.80
CA LEU B 67 3.99 -18.08 -6.08
C LEU B 67 3.76 -16.80 -5.27
N PHE B 68 2.52 -16.39 -5.17
CA PHE B 68 2.21 -15.18 -4.44
C PHE B 68 2.59 -15.29 -2.95
N LEU B 69 2.24 -16.41 -2.33
CA LEU B 69 2.50 -16.64 -0.92
C LEU B 69 3.97 -16.89 -0.53
N ASN B 70 4.76 -17.46 -1.43
CA ASN B 70 6.15 -17.77 -1.10
C ASN B 70 7.23 -16.87 -1.70
N TYR B 71 6.94 -16.19 -2.80
CA TYR B 71 7.93 -15.32 -3.41
C TYR B 71 7.33 -13.94 -3.70
N GLY B 72 6.06 -13.77 -3.35
CA GLY B 72 5.42 -12.49 -3.58
C GLY B 72 5.41 -12.04 -5.03
N VAL B 73 5.30 -12.98 -5.95
CA VAL B 73 5.27 -12.72 -7.38
C VAL B 73 4.07 -13.48 -7.94
N VAL B 74 3.66 -13.13 -9.15
CA VAL B 74 2.53 -13.77 -9.84
C VAL B 74 2.71 -13.56 -11.34
N PHE B 75 2.06 -14.42 -12.12
CA PHE B 75 2.13 -14.28 -13.56
C PHE B 75 0.81 -13.70 -14.06
N THR B 76 0.90 -13.01 -15.19
CA THR B 76 -0.26 -12.39 -15.81
C THR B 76 -1.39 -13.40 -16.11
N ASP B 77 -2.60 -12.89 -16.30
CA ASP B 77 -3.73 -13.76 -16.59
C ASP B 77 -3.52 -14.43 -17.95
N VAL B 78 -3.97 -15.66 -18.07
CA VAL B 78 -3.83 -16.38 -19.32
C VAL B 78 -5.08 -17.20 -19.61
N GLY B 79 -5.28 -17.56 -20.86
CA GLY B 79 -6.44 -18.36 -21.19
C GLY B 79 -6.28 -19.79 -20.66
N MET B 80 -5.21 -20.44 -21.09
CA MET B 80 -4.91 -21.81 -20.68
C MET B 80 -3.54 -21.92 -20.01
N ALA B 81 -3.38 -22.92 -19.15
CA ALA B 81 -2.13 -23.14 -18.45
C ALA B 81 -0.94 -23.30 -19.39
N TRP B 82 -1.17 -23.87 -20.56
CA TRP B 82 -0.07 -24.07 -21.49
C TRP B 82 0.47 -22.71 -21.95
N GLU B 83 -0.34 -21.67 -21.82
CA GLU B 83 0.09 -20.34 -22.26
C GLU B 83 1.18 -19.75 -21.37
N ILE B 84 1.14 -20.07 -20.09
CA ILE B 84 2.14 -19.59 -19.13
C ILE B 84 3.57 -19.79 -19.66
N PHE B 85 3.79 -20.86 -20.42
CA PHE B 85 5.13 -21.15 -20.94
C PHE B 85 5.62 -20.16 -21.99
N SER B 86 4.76 -19.22 -22.34
CA SER B 86 5.14 -18.22 -23.32
C SER B 86 5.57 -16.93 -22.65
N LEU B 87 5.07 -16.72 -21.43
CA LEU B 87 5.43 -15.53 -20.66
C LEU B 87 6.95 -15.38 -20.47
N ARG B 88 7.40 -14.14 -20.40
CA ARG B 88 8.81 -13.88 -20.22
C ARG B 88 9.03 -12.88 -19.09
N PHE B 89 8.07 -12.81 -18.17
CA PHE B 89 8.18 -11.88 -17.06
C PHE B 89 7.20 -12.25 -15.95
N LEU B 90 7.54 -11.84 -14.73
CA LEU B 90 6.70 -12.07 -13.56
C LEU B 90 6.49 -10.71 -12.93
N ARG B 91 5.41 -10.57 -12.16
CA ARG B 91 5.15 -9.29 -11.49
C ARG B 91 5.37 -9.39 -9.98
N GLU B 92 6.28 -8.57 -9.45
CA GLU B 92 6.52 -8.57 -8.01
C GLU B 92 5.41 -7.70 -7.40
N VAL B 93 4.56 -8.32 -6.60
CA VAL B 93 3.41 -7.65 -6.00
C VAL B 93 3.60 -6.50 -5.01
N VAL B 94 4.64 -6.55 -4.18
CA VAL B 94 4.84 -5.48 -3.20
C VAL B 94 5.30 -4.12 -3.76
N ASN B 95 5.47 -4.03 -5.08
CA ASN B 95 5.87 -2.79 -5.70
C ASN B 95 5.75 -2.84 -7.23
N ASP B 96 4.64 -3.40 -7.70
CA ASP B 96 4.35 -3.57 -9.13
C ASP B 96 5.56 -3.53 -10.05
N ASN B 97 6.63 -4.20 -9.64
CA ASN B 97 7.84 -4.25 -10.44
C ASN B 97 7.81 -5.49 -11.34
N ILE B 98 8.49 -5.42 -12.47
CA ILE B 98 8.51 -6.55 -13.41
C ILE B 98 9.86 -7.26 -13.45
N LEU B 99 9.81 -8.59 -13.32
CA LEU B 99 11.00 -9.43 -13.33
C LEU B 99 11.09 -10.34 -14.56
N PRO B 100 12.31 -10.80 -14.89
CA PRO B 100 12.50 -11.69 -16.04
C PRO B 100 12.23 -13.17 -15.69
N LEU B 101 11.52 -13.85 -16.58
CA LEU B 101 11.18 -15.25 -16.38
C LEU B 101 11.60 -15.99 -17.63
N GLN B 102 12.65 -16.80 -17.51
CA GLN B 102 13.15 -17.58 -18.64
C GLN B 102 12.44 -18.93 -18.71
N ALA B 103 12.42 -19.52 -19.90
CA ALA B 103 11.77 -20.82 -20.10
C ALA B 103 12.78 -21.83 -20.61
N PHE B 104 12.65 -23.07 -20.17
CA PHE B 104 13.58 -24.12 -20.61
C PHE B 104 12.79 -25.35 -21.04
N PRO B 105 13.07 -25.86 -22.24
CA PRO B 105 12.39 -27.04 -22.79
C PRO B 105 12.73 -28.35 -22.07
N ASN B 106 11.77 -29.27 -22.02
CA ASN B 106 12.01 -30.55 -21.39
C ASN B 106 13.25 -31.02 -22.14
N GLY B 107 14.19 -31.60 -21.42
CA GLY B 107 15.44 -31.99 -22.03
C GLY B 107 16.19 -30.68 -22.01
N SER B 108 17.01 -30.46 -21.01
CA SER B 108 17.74 -29.21 -20.95
C SER B 108 18.89 -29.26 -19.96
N PRO B 109 20.02 -28.65 -20.34
CA PRO B 109 21.21 -28.62 -19.49
C PRO B 109 20.87 -27.88 -18.20
N ARG B 110 19.89 -27.00 -18.29
CA ARG B 110 19.42 -26.20 -17.15
C ARG B 110 18.46 -27.09 -16.40
N ALA B 111 18.80 -27.45 -15.17
CA ALA B 111 17.96 -28.33 -14.35
C ALA B 111 16.67 -27.69 -13.82
N PRO B 112 15.61 -28.51 -13.63
CA PRO B 112 14.32 -28.05 -13.13
C PRO B 112 14.34 -27.94 -11.59
N VAL B 113 14.82 -26.80 -11.10
CA VAL B 113 14.94 -26.53 -9.68
C VAL B 113 13.62 -26.46 -8.95
N ALA B 114 13.68 -26.44 -7.63
CA ALA B 114 12.47 -26.36 -6.83
C ALA B 114 11.89 -24.97 -6.95
N GLY B 115 10.58 -24.86 -6.81
CA GLY B 115 9.92 -23.59 -6.93
C GLY B 115 9.56 -23.26 -8.37
N ALA B 116 10.27 -23.81 -9.33
CA ALA B 116 10.00 -23.52 -10.75
C ALA B 116 8.62 -23.99 -11.26
N LEU B 117 8.12 -23.31 -12.28
CA LEU B 117 6.85 -23.66 -12.89
C LEU B 117 7.10 -24.76 -13.94
N LEU B 118 6.22 -25.75 -13.99
CA LEU B 118 6.40 -26.82 -14.96
C LEU B 118 5.14 -26.76 -15.82
N ILE B 119 5.31 -26.61 -17.12
CA ILE B 119 4.13 -26.51 -17.95
C ILE B 119 3.93 -27.57 -19.01
N TRP B 120 2.70 -28.05 -19.05
CA TRP B 120 2.26 -29.06 -19.99
C TRP B 120 1.64 -28.33 -21.16
N ASP B 121 1.92 -28.81 -22.36
CA ASP B 121 1.32 -28.24 -23.56
C ASP B 121 -0.12 -28.79 -23.52
N LYS B 122 -0.89 -28.54 -24.55
CA LYS B 122 -2.24 -29.08 -24.55
C LYS B 122 -2.19 -30.39 -25.33
N GLY B 123 -3.09 -31.31 -24.99
CA GLY B 123 -3.10 -32.59 -25.68
C GLY B 123 -3.09 -33.80 -24.78
N GLY B 124 -3.83 -34.83 -25.16
CA GLY B 124 -3.89 -36.02 -24.34
C GLY B 124 -4.77 -35.80 -23.13
N GLU B 125 -4.22 -36.06 -21.96
CA GLU B 125 -4.88 -35.92 -20.66
C GLU B 125 -5.34 -34.50 -20.39
N PHE B 126 -4.51 -33.54 -20.75
CA PHE B 126 -4.80 -32.13 -20.55
C PHE B 126 -5.15 -31.50 -21.90
N LYS B 127 -6.25 -31.99 -22.47
CA LYS B 127 -6.73 -31.55 -23.76
C LYS B 127 -6.39 -30.12 -24.17
N ASP B 128 -7.42 -29.30 -24.30
CA ASP B 128 -7.28 -27.90 -24.71
C ASP B 128 -6.51 -26.97 -23.75
N THR B 129 -6.63 -27.23 -22.46
CA THR B 129 -6.00 -26.43 -21.42
C THR B 129 -4.50 -26.57 -21.25
N GLY B 130 -4.02 -27.80 -21.26
CA GLY B 130 -2.60 -28.01 -21.03
C GLY B 130 -2.56 -28.06 -19.51
N HIS B 131 -1.40 -27.94 -18.89
CA HIS B 131 -1.37 -27.98 -17.43
C HIS B 131 -0.23 -27.20 -16.78
N VAL B 132 -0.35 -27.02 -15.46
CA VAL B 132 0.67 -26.31 -14.69
C VAL B 132 0.88 -26.85 -13.26
N ALA B 133 2.13 -27.06 -12.92
CA ALA B 133 2.49 -27.54 -11.58
C ALA B 133 3.73 -26.85 -11.08
N ILE B 134 3.99 -27.03 -9.80
CA ILE B 134 5.18 -26.48 -9.14
C ILE B 134 6.08 -27.63 -8.78
N ILE B 135 7.36 -27.53 -9.14
CA ILE B 135 8.32 -28.55 -8.77
C ILE B 135 8.70 -28.28 -7.30
N THR B 136 8.34 -29.19 -6.39
CA THR B 136 8.64 -29.00 -4.98
C THR B 136 10.04 -29.49 -4.58
N GLN B 137 10.50 -30.58 -5.19
CA GLN B 137 11.83 -31.12 -4.88
C GLN B 137 12.45 -31.99 -5.96
N LEU B 138 13.70 -31.67 -6.30
CA LEU B 138 14.48 -32.39 -7.30
C LEU B 138 15.30 -33.49 -6.62
N HIS B 139 15.52 -34.59 -7.34
CA HIS B 139 16.31 -35.70 -6.82
C HIS B 139 17.39 -36.13 -7.81
N GLY B 140 17.72 -37.41 -7.82
CA GLY B 140 18.74 -37.90 -8.72
C GLY B 140 18.10 -38.56 -9.94
N ASN B 141 16.90 -39.10 -9.72
CA ASN B 141 16.16 -39.77 -10.78
C ASN B 141 14.66 -39.48 -10.72
N LYS B 142 14.28 -38.41 -10.03
CA LYS B 142 12.87 -38.04 -9.93
C LYS B 142 12.75 -36.65 -9.34
N VAL B 143 11.59 -36.04 -9.50
CA VAL B 143 11.34 -34.72 -8.95
C VAL B 143 9.93 -34.81 -8.44
N ARG B 144 9.62 -34.08 -7.38
CA ARG B 144 8.26 -34.11 -6.86
C ARG B 144 7.60 -32.79 -7.23
N ILE B 145 6.32 -32.86 -7.56
CA ILE B 145 5.59 -31.67 -7.95
C ILE B 145 4.26 -31.52 -7.24
N ALA B 146 3.92 -30.28 -6.88
CA ALA B 146 2.65 -30.02 -6.21
C ALA B 146 1.75 -29.37 -7.28
N GLU B 147 0.47 -29.66 -7.24
CA GLU B 147 -0.44 -29.10 -8.24
C GLU B 147 -1.88 -29.29 -7.85
N GLN B 148 -2.76 -28.63 -8.57
CA GLN B 148 -4.19 -28.69 -8.32
C GLN B 148 -4.92 -29.18 -9.57
N ASN B 149 -6.12 -29.74 -9.35
CA ASN B 149 -6.96 -30.25 -10.42
C ASN B 149 -6.41 -31.43 -11.22
N VAL B 150 -5.73 -32.35 -10.54
CA VAL B 150 -5.17 -33.53 -11.18
C VAL B 150 -5.38 -34.69 -10.22
N ILE B 151 -5.39 -34.33 -8.94
CA ILE B 151 -5.61 -35.29 -7.87
C ILE B 151 -6.79 -34.75 -7.12
N HIS B 152 -7.87 -35.52 -7.04
CA HIS B 152 -9.02 -35.03 -6.30
C HIS B 152 -9.29 -35.87 -5.05
N SER B 153 -8.25 -36.52 -4.53
CA SER B 153 -8.40 -37.32 -3.32
C SER B 153 -7.40 -36.83 -2.28
N PRO B 154 -7.78 -36.84 -0.99
CA PRO B 154 -6.92 -36.40 0.12
C PRO B 154 -5.49 -36.95 0.03
N LEU B 155 -4.55 -36.23 0.64
CA LEU B 155 -3.15 -36.67 0.59
C LEU B 155 -2.66 -37.20 1.93
N PRO B 156 -1.64 -38.07 1.90
CA PRO B 156 -1.05 -38.66 3.10
C PRO B 156 -0.57 -37.60 4.09
N GLN B 157 -0.91 -37.76 5.37
CA GLN B 157 -0.51 -36.79 6.40
C GLN B 157 0.91 -36.25 6.21
N GLY B 158 1.01 -34.92 6.14
CA GLY B 158 2.30 -34.27 5.98
C GLY B 158 2.99 -34.40 4.64
N GLN B 159 2.38 -35.07 3.67
CA GLN B 159 3.00 -35.21 2.37
C GLN B 159 2.71 -33.92 1.58
N GLN B 160 3.76 -33.15 1.31
CA GLN B 160 3.63 -31.88 0.62
C GLN B 160 3.87 -31.88 -0.88
N TRP B 161 3.66 -33.03 -1.52
CA TRP B 161 3.80 -33.17 -2.96
C TRP B 161 2.62 -34.00 -3.49
N THR B 162 2.26 -33.85 -4.76
CA THR B 162 1.13 -34.59 -5.30
C THR B 162 1.52 -35.76 -6.18
N ARG B 163 2.60 -35.61 -6.94
CA ARG B 163 3.05 -36.67 -7.83
C ARG B 163 4.55 -36.67 -8.03
N GLU B 164 5.10 -37.83 -8.37
CA GLU B 164 6.53 -37.91 -8.62
C GLU B 164 6.67 -38.16 -10.09
N LEU B 165 7.78 -37.73 -10.67
CA LEU B 165 8.01 -37.91 -12.08
C LEU B 165 9.44 -38.36 -12.34
N GLU B 166 9.56 -39.46 -13.09
CA GLU B 166 10.84 -40.00 -13.44
C GLU B 166 11.64 -38.94 -14.18
N MET B 167 12.88 -38.73 -13.78
CA MET B 167 13.72 -37.75 -14.46
C MET B 167 14.95 -38.51 -14.93
N VAL B 168 15.25 -38.42 -16.22
CA VAL B 168 16.38 -39.13 -16.78
C VAL B 168 17.55 -38.22 -17.13
N VAL B 169 18.51 -38.13 -16.23
CA VAL B 169 19.69 -37.31 -16.43
C VAL B 169 20.68 -38.02 -17.34
N GLU B 170 20.90 -37.48 -18.53
CA GLU B 170 21.82 -38.06 -19.51
C GLU B 170 22.70 -37.02 -20.18
N ASN B 171 24.00 -37.32 -20.24
CA ASN B 171 24.98 -36.44 -20.87
C ASN B 171 24.77 -34.97 -20.50
N GLY B 172 24.43 -34.74 -19.23
CA GLY B 172 24.21 -33.38 -18.76
C GLY B 172 22.84 -32.76 -19.03
N CYS B 173 21.90 -33.52 -19.61
CA CYS B 173 20.58 -32.99 -19.90
C CYS B 173 19.51 -33.61 -19.05
N TYR B 174 18.59 -32.79 -18.58
CA TYR B 174 17.50 -33.24 -17.73
C TYR B 174 16.23 -33.43 -18.53
N THR B 175 15.58 -34.58 -18.35
CA THR B 175 14.35 -34.90 -19.08
C THR B 175 13.34 -35.51 -18.14
N LEU B 176 12.14 -34.94 -18.09
CA LEU B 176 11.09 -35.47 -17.22
C LEU B 176 10.08 -36.26 -18.03
N LYS B 177 9.51 -37.28 -17.40
CA LYS B 177 8.52 -38.09 -18.08
C LYS B 177 7.26 -37.99 -17.25
N ASP B 178 6.13 -37.79 -17.92
CA ASP B 178 4.89 -37.66 -17.22
C ASP B 178 4.40 -39.02 -16.83
N THR B 179 3.47 -39.06 -15.88
CA THR B 179 2.90 -40.31 -15.43
C THR B 179 1.74 -40.70 -16.36
N PHE B 180 1.44 -39.82 -17.32
CA PHE B 180 0.39 -40.07 -18.30
C PHE B 180 1.11 -40.38 -19.61
N ASP B 181 0.50 -41.22 -20.44
CA ASP B 181 1.09 -41.67 -21.71
C ASP B 181 0.73 -40.91 -22.98
N ASP B 182 -0.08 -39.86 -22.87
CA ASP B 182 -0.50 -39.09 -24.04
C ASP B 182 -0.27 -37.61 -23.89
N THR B 183 0.51 -37.23 -22.89
CA THR B 183 0.75 -35.82 -22.62
C THR B 183 2.12 -35.30 -23.03
N THR B 184 2.27 -33.99 -23.05
CA THR B 184 3.54 -33.39 -23.43
C THR B 184 3.99 -32.35 -22.43
N ILE B 185 5.23 -32.45 -21.96
CA ILE B 185 5.79 -31.47 -21.03
C ILE B 185 6.55 -30.45 -21.87
N LEU B 186 6.22 -29.18 -21.72
CA LEU B 186 6.91 -28.15 -22.47
C LEU B 186 8.27 -27.88 -21.87
N GLY B 187 8.28 -27.69 -20.56
CA GLY B 187 9.49 -27.41 -19.85
C GLY B 187 9.19 -26.74 -18.53
N TRP B 188 10.21 -26.12 -17.96
CA TRP B 188 10.08 -25.45 -16.68
C TRP B 188 10.52 -24.01 -16.79
N MET B 189 10.07 -23.19 -15.85
CA MET B 189 10.38 -21.78 -15.87
C MET B 189 11.02 -21.27 -14.60
N ILE B 190 12.21 -20.69 -14.77
CA ILE B 190 13.01 -20.12 -13.70
C ILE B 190 12.95 -18.59 -13.78
N GLN B 191 12.85 -17.91 -12.64
CA GLN B 191 12.83 -16.46 -12.63
C GLN B 191 14.26 -16.00 -12.43
N THR B 192 14.92 -15.69 -13.54
CA THR B 192 16.31 -15.27 -13.49
C THR B 192 16.68 -14.35 -14.65
N GLU B 193 17.87 -13.75 -14.57
CA GLU B 193 18.38 -12.88 -15.62
C GLU B 193 19.33 -13.64 -16.55
N ASP B 194 19.85 -14.77 -16.09
CA ASP B 194 20.73 -15.57 -16.92
C ASP B 194 19.87 -16.32 -17.93
N THR B 195 20.11 -16.03 -19.20
CA THR B 195 19.32 -16.63 -20.27
C THR B 195 20.00 -17.79 -21.00
N GLU B 196 21.19 -18.16 -20.57
CA GLU B 196 21.89 -19.25 -21.22
C GLU B 196 21.02 -20.51 -21.18
N TYR B 197 21.07 -21.31 -22.24
CA TYR B 197 20.31 -22.54 -22.30
C TYR B 197 18.79 -22.30 -22.43
N SER B 198 18.37 -21.04 -22.40
CA SER B 198 16.94 -20.73 -22.49
C SER B 198 16.34 -20.57 -23.90
N LEU B 199 15.00 -20.53 -23.94
CA LEU B 199 14.20 -20.38 -25.16
C LEU B 199 13.91 -18.91 -25.44
N PRO B 200 14.00 -18.50 -26.72
CA PRO B 200 13.72 -17.12 -27.09
C PRO B 200 12.22 -16.87 -26.98
N GLN B 201 11.79 -15.61 -26.88
CA GLN B 201 10.36 -15.33 -26.77
C GLN B 201 9.59 -15.73 -28.03
N PRO B 202 8.50 -16.49 -27.86
CA PRO B 202 7.67 -16.96 -28.96
C PRO B 202 7.06 -15.81 -29.74
N GLU B 203 7.19 -15.85 -31.06
CA GLU B 203 6.62 -14.83 -31.92
C GLU B 203 5.52 -15.51 -32.72
N ILE B 204 4.38 -14.83 -32.85
CA ILE B 204 3.25 -15.39 -33.59
C ILE B 204 3.49 -15.22 -35.09
N ALA B 205 3.15 -16.26 -35.85
CA ALA B 205 3.33 -16.26 -37.31
C ALA B 205 2.55 -15.14 -38.02
N GLY B 206 3.28 -14.35 -38.80
CA GLY B 206 2.68 -13.23 -39.51
C GLY B 206 1.27 -13.39 -40.04
N GLU B 207 1.07 -14.36 -40.92
CA GLU B 207 -0.23 -14.56 -41.54
C GLU B 207 -1.41 -14.83 -40.63
N LEU B 208 -1.20 -15.47 -39.49
CA LEU B 208 -2.31 -15.77 -38.58
C LEU B 208 -2.90 -14.49 -38.03
N LEU B 209 -2.22 -13.38 -38.32
CA LEU B 209 -2.66 -12.07 -37.88
C LEU B 209 -3.34 -11.24 -38.96
N LYS B 210 -3.59 -11.82 -40.14
CA LYS B 210 -4.22 -11.00 -41.16
C LYS B 210 -5.73 -10.88 -40.93
N ILE B 211 -6.24 -9.67 -41.12
CA ILE B 211 -7.65 -9.41 -40.95
C ILE B 211 -8.30 -9.71 -42.31
N SER B 212 -9.51 -10.26 -42.32
CA SER B 212 -10.12 -10.59 -43.60
C SER B 212 -11.59 -10.28 -43.69
N GLY B 213 -11.99 -9.70 -44.83
CA GLY B 213 -13.38 -9.37 -45.07
C GLY B 213 -14.18 -10.59 -45.46
N ALA B 214 -15.47 -10.56 -45.14
CA ALA B 214 -16.37 -11.67 -45.44
C ALA B 214 -17.79 -11.12 -45.56
N ARG B 215 -18.52 -11.55 -46.57
CA ARG B 215 -19.89 -11.07 -46.72
C ARG B 215 -20.90 -12.14 -46.41
N LEU B 216 -22.04 -11.72 -45.87
CA LEU B 216 -23.11 -12.64 -45.54
C LEU B 216 -23.96 -12.76 -46.79
N GLU B 217 -24.97 -13.61 -46.76
CA GLU B 217 -25.86 -13.75 -47.89
C GLU B 217 -26.98 -12.76 -47.64
N ASN B 218 -27.18 -11.84 -48.56
CA ASN B 218 -28.22 -10.84 -48.39
C ASN B 218 -29.61 -11.46 -48.44
N LYS B 219 -30.28 -11.49 -47.30
CA LYS B 219 -31.62 -12.06 -47.22
C LYS B 219 -32.53 -11.11 -46.48
N GLY B 220 -32.19 -9.82 -46.55
CA GLY B 220 -32.98 -8.79 -45.89
C GLY B 220 -33.01 -8.91 -44.38
N GLN B 221 -31.93 -9.42 -43.81
CA GLN B 221 -31.86 -9.59 -42.36
C GLN B 221 -31.78 -8.21 -41.72
N PHE B 222 -31.29 -7.25 -42.48
CA PHE B 222 -31.15 -5.88 -41.98
C PHE B 222 -31.92 -4.89 -42.87
N ASP B 223 -33.23 -5.08 -42.99
CA ASP B 223 -34.03 -4.19 -43.83
C ASP B 223 -35.05 -3.41 -43.00
N GLY B 224 -35.36 -3.93 -41.82
CA GLY B 224 -36.32 -3.25 -40.97
C GLY B 224 -35.70 -2.88 -39.65
N LYS B 225 -36.51 -2.91 -38.59
CA LYS B 225 -35.99 -2.60 -37.28
C LYS B 225 -35.34 -3.88 -36.75
N TRP B 226 -34.20 -4.25 -37.33
CA TRP B 226 -33.49 -5.44 -36.91
C TRP B 226 -33.00 -5.35 -35.47
N LEU B 227 -32.91 -4.12 -34.96
CA LEU B 227 -32.51 -3.90 -33.56
C LEU B 227 -33.80 -3.86 -32.79
N ASP B 228 -33.91 -4.71 -31.78
CA ASP B 228 -35.11 -4.78 -30.99
C ASP B 228 -35.41 -3.44 -30.31
N GLU B 229 -36.40 -2.71 -30.81
CA GLU B 229 -36.72 -1.42 -30.21
C GLU B 229 -37.54 -1.58 -28.93
N LYS B 230 -37.73 -2.83 -28.52
CA LYS B 230 -38.47 -3.10 -27.30
C LYS B 230 -37.50 -2.90 -26.12
N ASP B 231 -36.22 -3.23 -26.35
CA ASP B 231 -35.18 -3.08 -25.33
C ASP B 231 -34.75 -1.62 -25.23
N PRO B 232 -34.98 -0.99 -24.07
CA PRO B 232 -34.65 0.41 -23.79
C PRO B 232 -33.21 0.77 -24.13
N LEU B 233 -32.28 -0.12 -23.81
CA LEU B 233 -30.87 0.13 -24.06
C LEU B 233 -30.60 0.20 -25.56
N GLN B 234 -31.28 -0.63 -26.34
CA GLN B 234 -31.08 -0.64 -27.77
C GLN B 234 -31.82 0.54 -28.39
N ASN B 235 -32.99 0.84 -27.84
CA ASN B 235 -33.78 1.94 -28.36
C ASN B 235 -32.93 3.20 -28.32
N ALA B 236 -32.39 3.50 -27.14
CA ALA B 236 -31.53 4.67 -26.93
C ALA B 236 -30.43 4.75 -28.00
N TYR B 237 -29.82 3.62 -28.29
CA TYR B 237 -28.79 3.58 -29.31
C TYR B 237 -29.36 3.91 -30.71
N VAL B 238 -30.60 3.50 -30.94
CA VAL B 238 -31.25 3.75 -32.21
C VAL B 238 -31.49 5.24 -32.29
N GLN B 239 -31.98 5.80 -31.19
CA GLN B 239 -32.26 7.22 -31.09
C GLN B 239 -31.02 8.07 -31.34
N ALA B 240 -29.84 7.46 -31.31
CA ALA B 240 -28.63 8.21 -31.53
C ALA B 240 -27.98 7.89 -32.85
N ASN B 241 -28.35 6.75 -33.44
CA ASN B 241 -27.75 6.34 -34.71
C ASN B 241 -28.74 5.73 -35.67
N GLY B 242 -29.89 5.33 -35.14
CA GLY B 242 -30.90 4.72 -35.97
C GLY B 242 -30.57 3.24 -36.00
N GLN B 243 -31.16 2.52 -36.95
CA GLN B 243 -30.93 1.08 -37.10
C GLN B 243 -29.63 0.91 -37.85
N VAL B 244 -28.53 1.38 -37.28
CA VAL B 244 -27.26 1.29 -37.97
C VAL B 244 -26.04 1.00 -37.09
N ILE B 245 -25.06 0.32 -37.68
CA ILE B 245 -23.79 0.06 -37.03
C ILE B 245 -22.74 0.60 -38.00
N ASN B 246 -22.77 0.10 -39.22
CA ASN B 246 -21.85 0.53 -40.26
C ASN B 246 -22.60 0.82 -41.58
N GLN B 247 -21.85 1.14 -42.63
CA GLN B 247 -22.45 1.49 -43.91
C GLN B 247 -22.98 0.30 -44.72
N ASP B 248 -22.68 -0.91 -44.26
CA ASP B 248 -23.13 -2.13 -44.92
C ASP B 248 -23.06 -3.24 -43.91
N PRO B 249 -24.20 -3.63 -43.33
CA PRO B 249 -24.17 -4.70 -42.33
C PRO B 249 -24.13 -6.14 -42.86
N TYR B 250 -23.84 -6.33 -44.15
CA TYR B 250 -23.77 -7.67 -44.71
C TYR B 250 -22.30 -8.00 -44.91
N HIS B 251 -21.46 -7.12 -44.38
CA HIS B 251 -20.02 -7.29 -44.46
C HIS B 251 -19.43 -7.28 -43.04
N TYR B 252 -18.34 -8.02 -42.87
CA TYR B 252 -17.67 -8.09 -41.59
C TYR B 252 -16.25 -8.54 -41.79
N TYR B 253 -15.50 -8.57 -40.70
CA TYR B 253 -14.14 -9.00 -40.80
C TYR B 253 -13.98 -10.20 -39.90
N THR B 254 -12.93 -10.96 -40.10
CA THR B 254 -12.70 -12.14 -39.29
C THR B 254 -11.24 -12.14 -38.89
N ILE B 255 -10.94 -12.86 -37.81
CA ILE B 255 -9.57 -13.02 -37.33
C ILE B 255 -9.46 -14.45 -36.81
N THR B 256 -8.26 -15.00 -36.89
CA THR B 256 -8.03 -16.36 -36.42
C THR B 256 -7.99 -16.34 -34.90
N GLU B 257 -8.36 -17.47 -34.30
CA GLU B 257 -8.34 -17.62 -32.85
C GLU B 257 -6.90 -17.43 -32.37
N SER B 258 -5.94 -17.57 -33.30
CA SER B 258 -4.52 -17.41 -33.01
C SER B 258 -4.19 -15.98 -32.70
N ALA B 259 -4.88 -15.05 -33.36
CA ALA B 259 -4.66 -13.64 -33.14
C ALA B 259 -5.32 -13.21 -31.83
N GLU B 260 -6.55 -13.63 -31.60
CA GLU B 260 -7.24 -13.27 -30.36
C GLU B 260 -6.34 -13.69 -29.20
N GLN B 261 -5.67 -14.82 -29.39
CA GLN B 261 -4.73 -15.38 -28.42
C GLN B 261 -3.70 -14.27 -28.18
N GLU B 262 -3.14 -13.78 -29.28
CA GLU B 262 -2.15 -12.73 -29.23
C GLU B 262 -2.67 -11.43 -28.63
N LEU B 263 -3.95 -11.13 -28.84
CA LEU B 263 -4.56 -9.91 -28.31
C LEU B 263 -4.84 -9.98 -26.83
N ILE B 264 -5.17 -11.17 -26.34
CA ILE B 264 -5.42 -11.35 -24.92
C ILE B 264 -4.06 -11.28 -24.21
N LYS B 265 -3.04 -11.76 -24.89
CA LYS B 265 -1.69 -11.78 -24.34
C LYS B 265 -1.11 -10.36 -24.25
N ALA B 266 -1.26 -9.59 -25.33
CA ALA B 266 -0.74 -8.23 -25.37
C ALA B 266 -1.58 -7.24 -24.53
N THR B 267 -2.82 -7.59 -24.24
CA THR B 267 -3.65 -6.69 -23.45
C THR B 267 -3.17 -6.76 -22.01
N ASN B 268 -3.23 -7.95 -21.43
CA ASN B 268 -2.84 -8.19 -20.05
C ASN B 268 -1.40 -7.77 -19.75
N GLU B 269 -0.52 -7.88 -20.74
CA GLU B 269 0.87 -7.50 -20.53
C GLU B 269 1.06 -5.98 -20.61
N LEU B 270 0.50 -5.35 -21.65
CA LEU B 270 0.63 -3.91 -21.77
C LEU B 270 0.00 -3.25 -20.55
N HIS B 271 -1.12 -3.81 -20.08
CA HIS B 271 -1.79 -3.25 -18.92
C HIS B 271 -0.83 -3.16 -17.73
N LEU B 272 -0.09 -4.24 -17.48
CA LEU B 272 0.86 -4.29 -16.40
C LEU B 272 2.01 -3.34 -16.71
N MET B 273 2.40 -3.27 -17.98
CA MET B 273 3.46 -2.36 -18.36
C MET B 273 3.01 -0.92 -18.07
N TYR B 274 1.73 -0.64 -18.33
CA TYR B 274 1.16 0.70 -18.10
C TYR B 274 1.09 1.05 -16.63
N LEU B 275 0.75 0.07 -15.79
CA LEU B 275 0.70 0.33 -14.36
C LEU B 275 2.11 0.51 -13.82
N HIS B 276 3.04 -0.29 -14.32
CA HIS B 276 4.43 -0.19 -13.89
C HIS B 276 4.94 1.18 -14.23
N ALA B 277 4.60 1.66 -15.44
CA ALA B 277 5.05 2.99 -15.87
C ALA B 277 4.38 4.03 -14.98
N THR B 278 3.09 3.88 -14.74
CA THR B 278 2.35 4.81 -13.88
C THR B 278 3.02 4.94 -12.53
N ASP B 279 3.37 3.81 -11.94
CA ASP B 279 4.02 3.75 -10.65
C ASP B 279 5.29 4.63 -10.66
N LYS B 280 6.16 4.42 -11.65
CA LYS B 280 7.40 5.20 -11.79
C LYS B 280 7.12 6.70 -11.85
N VAL B 281 6.21 7.12 -12.71
CA VAL B 281 5.89 8.55 -12.86
C VAL B 281 5.51 9.17 -11.54
N LEU B 282 4.58 8.51 -10.84
CA LEU B 282 4.09 9.00 -9.55
C LEU B 282 5.14 9.07 -8.44
N LYS B 283 6.33 8.57 -8.73
CA LYS B 283 7.41 8.57 -7.75
C LYS B 283 8.50 9.58 -8.06
N ASP B 284 8.42 10.22 -9.22
CA ASP B 284 9.45 11.18 -9.58
C ASP B 284 8.89 12.41 -10.25
N ASP B 285 8.83 13.49 -9.49
CA ASP B 285 8.33 14.78 -9.97
C ASP B 285 8.78 15.10 -11.39
N ASN B 286 10.06 14.92 -11.66
CA ASN B 286 10.57 15.20 -12.99
C ASN B 286 9.75 14.49 -14.07
N LEU B 287 9.24 13.30 -13.75
CA LEU B 287 8.41 12.57 -14.69
C LEU B 287 6.99 13.12 -14.64
N LEU B 288 6.41 13.17 -13.46
CA LEU B 288 5.07 13.70 -13.31
C LEU B 288 4.92 15.07 -13.95
N ALA B 289 5.97 15.90 -13.84
CA ALA B 289 5.94 17.25 -14.39
C ALA B 289 5.68 17.28 -15.91
N LEU B 290 5.85 16.14 -16.57
CA LEU B 290 5.66 16.02 -18.01
C LEU B 290 4.23 15.89 -18.52
N PHE B 291 3.27 15.66 -17.63
CA PHE B 291 1.87 15.47 -18.02
C PHE B 291 1.05 16.76 -18.03
N ASP B 292 1.66 17.83 -17.53
CA ASP B 292 1.02 19.13 -17.46
C ASP B 292 -0.28 19.12 -16.66
N ILE B 293 -0.25 18.49 -15.49
CA ILE B 293 -1.43 18.46 -14.63
C ILE B 293 -1.18 19.50 -13.54
N PRO B 294 -2.23 20.24 -13.13
CA PRO B 294 -2.05 21.26 -12.08
C PRO B 294 -1.42 20.67 -10.82
N LYS B 295 -0.25 21.21 -10.46
CA LYS B 295 0.55 20.79 -9.31
C LYS B 295 -0.22 20.64 -7.99
N ILE B 296 -1.32 21.36 -7.86
CA ILE B 296 -2.13 21.28 -6.66
C ILE B 296 -2.77 19.87 -6.56
N LEU B 297 -2.77 19.14 -7.67
CA LEU B 297 -3.37 17.79 -7.72
C LEU B 297 -2.37 16.67 -7.51
N TRP B 298 -1.08 16.96 -7.75
CA TRP B 298 -0.05 15.94 -7.56
C TRP B 298 -0.26 15.14 -6.26
N PRO B 299 -0.37 15.82 -5.11
CA PRO B 299 -0.58 15.14 -3.83
C PRO B 299 -1.79 14.19 -3.83
N ARG B 300 -2.82 14.57 -4.58
CA ARG B 300 -4.04 13.78 -4.68
C ARG B 300 -3.90 12.60 -5.64
N LEU B 301 -3.10 12.77 -6.69
CA LEU B 301 -2.88 11.70 -7.66
C LEU B 301 -2.23 10.54 -6.97
N ARG B 302 -1.20 10.85 -6.18
CA ARG B 302 -0.44 9.86 -5.42
C ARG B 302 -1.27 9.10 -4.39
N LEU B 303 -2.18 9.77 -3.70
CA LEU B 303 -3.03 9.12 -2.72
C LEU B 303 -3.98 8.17 -3.46
N SER B 304 -4.59 8.69 -4.52
CA SER B 304 -5.51 7.94 -5.39
C SER B 304 -4.86 6.62 -5.78
N TRP B 305 -3.65 6.74 -6.31
CA TRP B 305 -2.89 5.58 -6.74
C TRP B 305 -2.65 4.58 -5.63
N GLN B 306 -2.43 5.05 -4.39
CA GLN B 306 -2.17 4.12 -3.30
C GLN B 306 -3.39 3.44 -2.68
N ARG B 307 -4.56 4.08 -2.69
CA ARG B 307 -5.72 3.44 -2.11
C ARG B 307 -6.72 2.90 -3.13
N ARG B 308 -6.74 3.48 -4.33
CA ARG B 308 -7.66 3.03 -5.37
C ARG B 308 -6.95 2.20 -6.45
N ARG B 309 -5.78 1.64 -6.11
CA ARG B 309 -4.97 0.84 -7.03
C ARG B 309 -5.69 -0.28 -7.79
N HIS B 310 -6.72 -0.85 -7.18
CA HIS B 310 -7.46 -1.93 -7.81
C HIS B 310 -8.86 -1.58 -8.22
N HIS B 311 -9.21 -0.30 -8.17
CA HIS B 311 -10.58 0.11 -8.50
C HIS B 311 -10.87 0.48 -9.94
N MET B 312 -9.89 0.40 -10.84
CA MET B 312 -10.18 0.71 -12.24
C MET B 312 -11.12 -0.37 -12.81
N ILE B 313 -12.26 0.07 -13.36
CA ILE B 313 -13.22 -0.86 -13.93
C ILE B 313 -12.99 -1.20 -15.39
N THR B 314 -12.75 -0.22 -16.25
CA THR B 314 -12.54 -0.56 -17.65
C THR B 314 -11.77 0.45 -18.51
N GLY B 315 -11.08 -0.06 -19.52
CA GLY B 315 -10.35 0.81 -20.42
C GLY B 315 -10.31 0.20 -21.83
N ARG B 316 -9.85 0.95 -22.82
CA ARG B 316 -9.73 0.43 -24.16
C ARG B 316 -8.39 0.78 -24.77
N MET B 317 -7.78 -0.23 -25.40
CA MET B 317 -6.50 -0.13 -26.07
C MET B 317 -6.68 -0.19 -27.58
N ASP B 318 -5.90 0.62 -28.28
CA ASP B 318 -5.95 0.71 -29.74
C ASP B 318 -4.67 0.14 -30.31
N PHE B 319 -4.82 -0.79 -31.24
CA PHE B 319 -3.67 -1.44 -31.86
C PHE B 319 -3.73 -1.37 -33.37
N CYS B 320 -2.59 -1.69 -33.96
CA CYS B 320 -2.45 -1.80 -35.39
C CYS B 320 -2.08 -3.26 -35.53
N MET B 321 -2.93 -4.04 -36.20
CA MET B 321 -2.68 -5.47 -36.39
C MET B 321 -2.75 -5.93 -37.83
N ASP B 322 -1.75 -6.72 -38.23
CA ASP B 322 -1.65 -7.28 -39.58
C ASP B 322 -0.36 -8.12 -39.66
N GLU B 323 -0.06 -8.67 -40.83
CA GLU B 323 1.14 -9.50 -40.98
C GLU B 323 2.41 -8.81 -40.47
N ARG B 324 2.39 -7.48 -40.34
CA ARG B 324 3.55 -6.74 -39.85
C ARG B 324 3.76 -6.94 -38.35
N GLY B 325 2.71 -7.31 -37.65
CA GLY B 325 2.82 -7.52 -36.22
C GLY B 325 1.73 -6.81 -35.44
N LEU B 326 1.98 -6.58 -34.16
CA LEU B 326 1.01 -5.93 -33.27
C LEU B 326 1.62 -4.76 -32.51
N LYS B 327 1.09 -3.57 -32.76
CA LYS B 327 1.57 -2.37 -32.09
C LYS B 327 0.44 -1.74 -31.29
N VAL B 328 0.80 -0.84 -30.39
CA VAL B 328 -0.22 -0.19 -29.57
C VAL B 328 -0.13 1.33 -29.71
N TYR B 329 -1.24 1.95 -30.05
CA TYR B 329 -1.25 3.39 -30.25
C TYR B 329 -1.44 4.15 -28.95
N GLU B 330 -2.50 3.81 -28.24
CA GLU B 330 -2.84 4.49 -26.99
C GLU B 330 -3.66 3.56 -26.09
N TYR B 331 -3.96 4.02 -24.88
CA TYR B 331 -4.75 3.26 -23.92
C TYR B 331 -5.70 4.21 -23.19
N ASN B 332 -6.95 4.21 -23.62
CA ASN B 332 -7.95 5.07 -23.01
C ASN B 332 -8.38 4.47 -21.66
N ALA B 333 -7.67 4.87 -20.61
CA ALA B 333 -7.97 4.37 -19.27
C ALA B 333 -9.00 5.27 -18.60
N ASP B 334 -8.81 6.58 -18.75
CA ASP B 334 -9.72 7.54 -18.13
C ASP B 334 -11.15 7.29 -18.53
N SER B 335 -11.57 7.89 -19.63
CA SER B 335 -12.95 7.69 -20.10
C SER B 335 -12.96 7.14 -21.51
N ALA B 336 -13.38 5.89 -21.64
CA ALA B 336 -13.45 5.25 -22.95
C ALA B 336 -14.82 4.63 -23.15
N SER B 337 -15.24 4.57 -24.42
CA SER B 337 -16.53 3.97 -24.77
C SER B 337 -16.31 2.97 -25.91
N CYS B 338 -17.41 2.58 -26.55
CA CYS B 338 -17.44 1.60 -27.66
C CYS B 338 -18.03 0.27 -27.15
N HIS B 339 -18.33 0.20 -25.86
CA HIS B 339 -18.88 -1.00 -25.24
C HIS B 339 -20.28 -1.35 -25.72
N THR B 340 -21.10 -0.33 -25.93
CA THR B 340 -22.44 -0.60 -26.40
C THR B 340 -22.32 -1.24 -27.78
N GLU B 341 -21.52 -0.59 -28.62
CA GLU B 341 -21.32 -1.07 -29.97
C GLU B 341 -20.81 -2.50 -30.03
N ALA B 342 -19.69 -2.78 -29.37
CA ALA B 342 -19.11 -4.12 -29.43
C ALA B 342 -19.80 -5.23 -28.63
N GLY B 343 -20.26 -4.92 -27.42
CA GLY B 343 -20.88 -5.94 -26.60
C GLY B 343 -22.39 -6.06 -26.53
N LEU B 344 -23.12 -5.27 -27.32
CA LEU B 344 -24.59 -5.34 -27.33
C LEU B 344 -25.21 -5.28 -28.73
N ILE B 345 -24.84 -4.29 -29.51
CA ILE B 345 -25.39 -4.13 -30.85
C ILE B 345 -24.86 -5.23 -31.76
N LEU B 346 -23.57 -5.48 -31.68
CA LEU B 346 -22.96 -6.53 -32.50
C LEU B 346 -23.46 -7.92 -32.08
N GLU B 347 -24.00 -8.04 -30.88
CA GLU B 347 -24.54 -9.31 -30.43
C GLU B 347 -25.77 -9.48 -31.28
N ARG B 348 -26.65 -8.52 -31.13
CA ARG B 348 -27.90 -8.44 -31.87
C ARG B 348 -27.62 -8.66 -33.36
N TRP B 349 -26.49 -8.12 -33.82
CA TRP B 349 -26.09 -8.24 -35.22
C TRP B 349 -25.95 -9.70 -35.61
N ALA B 350 -25.02 -10.38 -34.91
CA ALA B 350 -24.74 -11.80 -35.12
C ALA B 350 -26.01 -12.61 -34.98
N GLU B 351 -26.76 -12.29 -33.94
CA GLU B 351 -28.01 -12.96 -33.64
C GLU B 351 -28.92 -12.87 -34.86
N GLN B 352 -28.77 -11.79 -35.64
CA GLN B 352 -29.63 -11.54 -36.80
C GLN B 352 -29.16 -11.96 -38.19
N GLY B 353 -27.87 -12.19 -38.40
CA GLY B 353 -27.43 -12.58 -39.74
C GLY B 353 -26.26 -13.52 -39.83
N TYR B 354 -25.81 -14.03 -38.68
CA TYR B 354 -24.65 -14.94 -38.67
C TYR B 354 -25.02 -16.36 -38.31
N LYS B 355 -24.94 -17.23 -39.31
CA LYS B 355 -25.24 -18.65 -39.13
C LYS B 355 -23.92 -19.40 -39.26
N GLY B 356 -22.83 -18.75 -38.82
CA GLY B 356 -21.51 -19.35 -38.90
C GLY B 356 -20.99 -20.03 -37.64
N ASN B 357 -19.74 -20.46 -37.68
CA ASN B 357 -19.11 -21.14 -36.55
C ASN B 357 -18.45 -20.17 -35.58
N GLY B 358 -17.91 -19.07 -36.12
CA GLY B 358 -17.24 -18.06 -35.32
C GLY B 358 -18.09 -17.39 -34.25
N PHE B 359 -17.52 -16.40 -33.59
CA PHE B 359 -18.21 -15.69 -32.52
C PHE B 359 -17.73 -14.24 -32.36
N ASN B 360 -18.47 -13.47 -31.56
CA ASN B 360 -18.11 -12.09 -31.28
C ASN B 360 -17.11 -12.09 -30.13
N PRO B 361 -15.88 -11.59 -30.39
CA PRO B 361 -14.80 -11.54 -29.39
C PRO B 361 -15.11 -10.68 -28.18
N ALA B 362 -16.26 -10.01 -28.19
CA ALA B 362 -16.64 -9.14 -27.09
C ALA B 362 -18.05 -9.42 -26.62
N GLU B 363 -18.49 -10.67 -26.77
CA GLU B 363 -19.85 -11.04 -26.37
C GLU B 363 -20.12 -11.14 -24.87
N GLY B 364 -19.08 -11.24 -24.06
CA GLY B 364 -19.29 -11.36 -22.63
C GLY B 364 -19.20 -10.06 -21.85
N LEU B 365 -18.54 -9.08 -22.46
CA LEU B 365 -18.31 -7.74 -21.90
C LEU B 365 -19.30 -7.25 -20.85
N ILE B 366 -20.60 -7.34 -21.13
CA ILE B 366 -21.60 -6.87 -20.20
C ILE B 366 -21.64 -7.66 -18.91
N ASN B 367 -21.30 -8.95 -18.96
CA ASN B 367 -21.29 -9.76 -17.74
C ASN B 367 -19.93 -9.56 -17.07
N GLU B 368 -18.95 -9.25 -17.91
CA GLU B 368 -17.58 -8.98 -17.48
C GLU B 368 -17.57 -7.72 -16.58
N LEU B 369 -18.31 -6.70 -17.00
CA LEU B 369 -18.40 -5.44 -16.27
C LEU B 369 -19.21 -5.57 -15.00
N ALA B 370 -20.33 -6.28 -15.08
CA ALA B 370 -21.15 -6.45 -13.88
C ALA B 370 -20.26 -7.17 -12.87
N GLY B 371 -19.31 -7.95 -13.40
CA GLY B 371 -18.39 -8.68 -12.55
C GLY B 371 -17.48 -7.74 -11.78
N ALA B 372 -16.72 -6.93 -12.51
CA ALA B 372 -15.82 -5.97 -11.86
C ALA B 372 -16.58 -5.11 -10.84
N TRP B 373 -17.84 -4.78 -11.12
CA TRP B 373 -18.63 -3.96 -10.20
C TRP B 373 -19.01 -4.70 -8.91
N LYS B 374 -19.23 -6.01 -9.02
CA LYS B 374 -19.55 -6.77 -7.81
C LYS B 374 -18.34 -6.67 -6.88
N HIS B 375 -17.15 -6.82 -7.45
CA HIS B 375 -15.93 -6.77 -6.68
C HIS B 375 -15.29 -5.41 -6.48
N SER B 376 -16.06 -4.33 -6.65
CA SER B 376 -15.53 -3.01 -6.43
C SER B 376 -15.98 -2.58 -5.04
N ARG B 377 -15.35 -1.56 -4.48
CA ARG B 377 -15.73 -1.08 -3.17
C ARG B 377 -16.67 0.11 -3.32
N ALA B 378 -17.53 0.01 -4.34
CA ALA B 378 -18.49 1.06 -4.65
C ALA B 378 -19.68 1.02 -3.70
N ARG B 379 -20.15 2.20 -3.28
CA ARG B 379 -21.29 2.31 -2.37
C ARG B 379 -22.56 1.75 -3.04
N PRO B 380 -23.56 1.38 -2.24
CA PRO B 380 -24.81 0.82 -2.76
C PRO B 380 -25.54 1.71 -3.77
N PHE B 381 -25.48 3.03 -3.61
CA PHE B 381 -26.15 3.91 -4.56
C PHE B 381 -25.16 4.65 -5.45
N VAL B 382 -25.32 4.51 -6.75
CA VAL B 382 -24.40 5.15 -7.68
C VAL B 382 -25.00 6.20 -8.60
N HIS B 383 -24.47 7.41 -8.54
CA HIS B 383 -24.96 8.44 -9.40
C HIS B 383 -24.06 8.39 -10.65
N ILE B 384 -24.69 8.19 -11.81
CA ILE B 384 -23.96 8.13 -13.07
C ILE B 384 -23.95 9.56 -13.66
N MET B 385 -22.76 10.09 -13.90
CA MET B 385 -22.61 11.45 -14.43
C MET B 385 -22.14 11.50 -15.85
N GLN B 386 -22.90 12.19 -16.69
CA GLN B 386 -22.53 12.31 -18.09
C GLN B 386 -22.81 13.69 -18.66
N ASP B 387 -22.01 14.05 -19.66
CA ASP B 387 -22.13 15.32 -20.36
C ASP B 387 -23.28 15.12 -21.35
N LYS B 388 -23.89 16.21 -21.81
CA LYS B 388 -24.99 16.09 -22.76
C LYS B 388 -24.46 15.81 -24.16
N ASP B 389 -24.32 14.51 -24.45
CA ASP B 389 -23.85 13.99 -25.73
C ASP B 389 -24.85 12.93 -26.09
N ILE B 390 -25.10 12.72 -27.38
CA ILE B 390 -26.08 11.71 -27.77
C ILE B 390 -25.46 10.33 -27.68
N GLU B 391 -24.12 10.26 -27.74
CA GLU B 391 -23.43 8.98 -27.65
C GLU B 391 -23.28 8.55 -26.19
N GLU B 392 -23.00 9.52 -25.33
CA GLU B 392 -22.84 9.23 -23.91
C GLU B 392 -24.17 8.81 -23.31
N ASN B 393 -25.26 9.28 -23.92
CA ASN B 393 -26.58 8.96 -23.44
C ASN B 393 -26.87 7.47 -23.34
N TYR B 394 -26.41 6.70 -24.33
CA TYR B 394 -26.64 5.25 -24.30
C TYR B 394 -25.47 4.57 -23.64
N HIS B 395 -24.29 5.19 -23.71
CA HIS B 395 -23.12 4.60 -23.09
C HIS B 395 -23.38 4.47 -21.60
N ALA B 396 -23.94 5.53 -21.01
CA ALA B 396 -24.25 5.57 -19.60
C ALA B 396 -25.45 4.72 -19.20
N GLN B 397 -26.23 4.25 -20.17
CA GLN B 397 -27.39 3.42 -19.86
C GLN B 397 -26.98 1.97 -20.03
N PHE B 398 -25.86 1.81 -20.72
CA PHE B 398 -25.31 0.49 -20.95
C PHE B 398 -24.61 0.11 -19.64
N MET B 399 -23.92 1.11 -19.07
CA MET B 399 -23.20 0.94 -17.82
C MET B 399 -24.19 0.84 -16.68
N GLU B 400 -25.23 1.70 -16.70
CA GLU B 400 -26.23 1.65 -15.65
C GLU B 400 -26.80 0.24 -15.56
N GLN B 401 -26.74 -0.48 -16.68
CA GLN B 401 -27.27 -1.83 -16.71
C GLN B 401 -26.26 -2.82 -16.14
N ALA B 402 -24.98 -2.50 -16.31
CA ALA B 402 -23.92 -3.34 -15.78
C ALA B 402 -23.97 -3.27 -14.25
N LEU B 403 -24.32 -2.10 -13.74
CA LEU B 403 -24.44 -1.87 -12.31
C LEU B 403 -25.70 -2.56 -11.75
N HIS B 404 -26.80 -2.47 -12.49
CA HIS B 404 -28.03 -3.09 -12.04
C HIS B 404 -27.87 -4.60 -11.94
N GLN B 405 -27.07 -5.17 -12.83
CA GLN B 405 -26.82 -6.61 -12.82
C GLN B 405 -25.84 -6.96 -11.73
N ALA B 406 -25.26 -5.96 -11.09
CA ALA B 406 -24.29 -6.20 -10.04
C ALA B 406 -24.84 -5.87 -8.66
N GLY B 407 -26.10 -5.44 -8.61
CA GLY B 407 -26.73 -5.14 -7.32
C GLY B 407 -26.92 -3.69 -6.91
N PHE B 408 -26.19 -2.77 -7.54
CA PHE B 408 -26.31 -1.37 -7.17
C PHE B 408 -27.56 -0.68 -7.70
N GLU B 409 -27.91 0.41 -7.04
CA GLU B 409 -29.04 1.24 -7.45
C GLU B 409 -28.32 2.40 -8.13
N THR B 410 -28.99 3.10 -9.03
CA THR B 410 -28.37 4.23 -9.70
C THR B 410 -29.37 5.28 -10.05
N ARG B 411 -28.90 6.28 -10.77
CA ARG B 411 -29.71 7.39 -11.24
C ARG B 411 -28.82 8.15 -12.21
N ILE B 412 -29.27 8.32 -13.44
CA ILE B 412 -28.44 9.05 -14.38
C ILE B 412 -28.64 10.54 -14.11
N LEU B 413 -27.58 11.32 -14.35
CA LEU B 413 -27.58 12.76 -14.17
C LEU B 413 -26.95 13.37 -15.42
N ARG B 414 -27.76 13.95 -16.28
CA ARG B 414 -27.24 14.57 -17.50
C ARG B 414 -27.06 16.05 -17.22
N GLY B 415 -25.82 16.51 -17.31
CA GLY B 415 -25.52 17.91 -17.04
C GLY B 415 -25.14 18.04 -15.57
N LEU B 416 -25.34 19.22 -15.00
CA LEU B 416 -25.00 19.45 -13.60
C LEU B 416 -26.12 20.16 -12.84
N ASP B 417 -27.17 20.52 -13.56
CA ASP B 417 -28.31 21.23 -12.99
C ASP B 417 -29.06 20.57 -11.84
N GLU B 418 -29.25 19.25 -11.88
CA GLU B 418 -29.97 18.56 -10.82
C GLU B 418 -29.20 18.51 -9.48
N LEU B 419 -28.00 19.07 -9.44
CA LEU B 419 -27.15 19.06 -8.24
C LEU B 419 -27.22 20.28 -7.31
N GLY B 420 -27.50 20.02 -6.03
CA GLY B 420 -27.61 21.09 -5.04
C GLY B 420 -26.54 21.07 -3.96
N TRP B 421 -26.84 21.68 -2.81
CA TRP B 421 -25.94 21.78 -1.65
C TRP B 421 -26.77 21.88 -0.35
N GLY B 425 -24.88 21.09 3.85
CA GLY B 425 -23.81 21.71 2.94
C GLY B 425 -23.13 20.63 2.10
N GLN B 426 -23.80 19.49 2.03
CA GLN B 426 -23.34 18.36 1.29
C GLN B 426 -23.97 18.30 -0.12
N LEU B 427 -23.27 17.60 -1.00
CA LEU B 427 -23.72 17.45 -2.36
C LEU B 427 -24.91 16.46 -2.48
N ILE B 428 -26.06 16.98 -2.91
CA ILE B 428 -27.26 16.15 -3.08
C ILE B 428 -27.80 16.22 -4.51
N ASP B 429 -28.63 15.25 -4.88
CA ASP B 429 -29.21 15.25 -6.22
C ASP B 429 -30.59 15.93 -6.20
N GLY B 430 -31.13 16.17 -7.38
CA GLY B 430 -32.42 16.83 -7.50
C GLY B 430 -33.53 16.26 -6.63
N GLU B 431 -33.46 14.96 -6.35
CA GLU B 431 -34.48 14.32 -5.52
C GLU B 431 -34.12 14.37 -4.02
N GLY B 432 -33.05 15.08 -3.70
CA GLY B 432 -32.64 15.21 -2.32
C GLY B 432 -31.49 14.31 -1.87
N ARG B 433 -31.43 13.11 -2.45
CA ARG B 433 -30.40 12.12 -2.11
C ARG B 433 -28.96 12.65 -2.13
N LEU B 434 -28.13 12.11 -1.24
CA LEU B 434 -26.72 12.49 -1.13
C LEU B 434 -25.87 11.78 -2.19
N VAL B 435 -25.03 12.56 -2.85
CA VAL B 435 -24.14 12.06 -3.87
C VAL B 435 -22.78 11.84 -3.24
N ASN B 436 -22.34 10.60 -3.14
CA ASN B 436 -21.02 10.31 -2.56
C ASN B 436 -20.31 9.20 -3.29
N CYS B 437 -20.92 8.72 -4.38
CA CYS B 437 -20.34 7.66 -5.20
C CYS B 437 -20.82 7.83 -6.63
N VAL B 438 -19.94 8.24 -7.53
CA VAL B 438 -20.35 8.46 -8.91
C VAL B 438 -19.52 7.81 -10.00
N TRP B 439 -20.22 7.40 -11.05
CA TRP B 439 -19.56 6.83 -12.21
C TRP B 439 -19.71 7.90 -13.30
N LYS B 440 -18.60 8.34 -13.85
CA LYS B 440 -18.62 9.38 -14.86
C LYS B 440 -18.20 8.98 -16.28
N THR B 441 -18.71 9.75 -17.23
CA THR B 441 -18.38 9.55 -18.63
C THR B 441 -17.53 10.79 -18.93
N TRP B 442 -17.56 11.74 -17.99
CA TRP B 442 -16.80 12.99 -18.10
C TRP B 442 -15.31 12.67 -18.06
N ALA B 443 -14.50 13.50 -18.73
CA ALA B 443 -13.06 13.32 -18.73
C ALA B 443 -12.42 14.08 -17.56
N TRP B 444 -11.49 13.42 -16.88
CA TRP B 444 -10.78 14.02 -15.76
C TRP B 444 -10.05 15.27 -16.22
N GLU B 445 -9.64 15.27 -17.48
CA GLU B 445 -8.93 16.39 -18.06
C GLU B 445 -9.84 17.63 -18.16
N THR B 446 -11.14 17.42 -18.26
CA THR B 446 -12.04 18.54 -18.34
C THR B 446 -12.25 19.27 -17.01
N ALA B 447 -12.09 18.55 -15.91
CA ALA B 447 -12.21 19.18 -14.61
C ALA B 447 -10.88 19.91 -14.40
N PHE B 448 -9.79 19.27 -14.83
CA PHE B 448 -8.45 19.86 -14.72
C PHE B 448 -8.43 21.24 -15.34
N ASP B 449 -9.26 21.42 -16.36
CA ASP B 449 -9.37 22.69 -17.05
C ASP B 449 -10.05 23.67 -16.12
N GLN B 450 -10.99 23.19 -15.33
CA GLN B 450 -11.68 24.08 -14.42
C GLN B 450 -10.72 24.58 -13.33
N ILE B 451 -9.53 24.00 -13.26
CA ILE B 451 -8.54 24.40 -12.27
C ILE B 451 -7.59 25.33 -13.00
N ARG B 452 -7.30 25.01 -14.27
CA ARG B 452 -6.41 25.82 -15.08
C ARG B 452 -7.12 27.08 -15.55
N GLU B 453 -8.42 27.18 -15.26
CA GLU B 453 -9.20 28.36 -15.65
C GLU B 453 -8.83 29.48 -14.69
N VAL B 454 -8.92 29.19 -13.40
CA VAL B 454 -8.61 30.16 -12.36
C VAL B 454 -7.26 29.85 -11.69
N PHE B 459 -3.99 29.56 -4.24
CA PHE B 459 -4.99 28.73 -3.51
C PHE B 459 -4.35 27.56 -2.74
N ALA B 460 -4.61 27.51 -1.44
CA ALA B 460 -4.06 26.48 -0.57
C ALA B 460 -4.54 25.07 -0.88
N ALA B 461 -5.53 24.94 -1.74
CA ALA B 461 -6.06 23.64 -2.09
C ALA B 461 -6.75 23.69 -3.44
N VAL B 462 -7.32 22.57 -3.86
CA VAL B 462 -8.04 22.55 -5.12
C VAL B 462 -9.26 23.43 -4.86
N PRO B 463 -9.47 24.45 -5.71
CA PRO B 463 -10.59 25.38 -5.59
C PRO B 463 -11.94 24.78 -5.97
N ILE B 464 -12.73 24.40 -4.97
CA ILE B 464 -14.04 23.81 -5.22
C ILE B 464 -15.09 24.49 -4.34
N ARG B 465 -16.30 24.60 -4.83
CA ARG B 465 -17.33 25.26 -4.05
C ARG B 465 -18.06 24.27 -3.17
N THR B 466 -18.23 24.64 -1.90
CA THR B 466 -18.96 23.80 -0.95
C THR B 466 -20.31 24.48 -0.70
N GLY B 467 -20.57 25.49 -1.52
CA GLY B 467 -21.79 26.26 -1.43
C GLY B 467 -21.73 27.40 -2.43
N HIS B 468 -22.88 27.98 -2.74
CA HIS B 468 -22.95 29.07 -3.70
C HIS B 468 -24.38 29.60 -3.65
N PRO B 469 -24.57 30.92 -3.72
CA PRO B 469 -25.88 31.58 -3.68
C PRO B 469 -26.96 30.94 -4.55
N GLN B 470 -26.71 30.94 -5.85
CA GLN B 470 -27.66 30.38 -6.79
C GLN B 470 -27.61 28.86 -6.88
N ASN B 471 -26.84 28.23 -5.99
CA ASN B 471 -26.75 26.78 -5.97
C ASN B 471 -26.25 26.27 -7.33
N GLU B 472 -24.97 26.50 -7.60
CA GLU B 472 -24.37 26.12 -8.88
C GLU B 472 -23.13 25.22 -8.77
N VAL B 473 -23.35 23.92 -8.79
CA VAL B 473 -22.27 22.93 -8.73
C VAL B 473 -21.56 22.84 -10.08
N ARG B 474 -20.23 22.84 -10.06
CA ARG B 474 -19.42 22.69 -11.28
C ARG B 474 -19.02 21.22 -11.37
N LEU B 475 -18.31 20.84 -12.42
CA LEU B 475 -17.89 19.44 -12.53
C LEU B 475 -16.83 19.19 -11.46
N ILE B 476 -15.93 20.15 -11.31
CA ILE B 476 -14.85 20.07 -10.34
C ILE B 476 -15.43 20.01 -8.91
N ASP B 477 -16.58 20.62 -8.71
CA ASP B 477 -17.26 20.63 -7.42
C ASP B 477 -17.80 19.28 -7.04
N VAL B 478 -17.69 18.30 -7.93
CA VAL B 478 -18.20 16.98 -7.61
C VAL B 478 -17.10 15.92 -7.57
N LEU B 479 -16.29 15.88 -8.62
CA LEU B 479 -15.23 14.89 -8.72
C LEU B 479 -14.12 15.09 -7.70
N LEU B 480 -13.87 16.33 -7.30
CA LEU B 480 -12.81 16.51 -6.32
C LEU B 480 -13.26 16.77 -4.88
N ARG B 481 -14.50 16.42 -4.57
CA ARG B 481 -14.98 16.57 -3.21
C ARG B 481 -14.55 15.27 -2.55
N PRO B 482 -13.76 15.37 -1.47
CA PRO B 482 -13.25 14.23 -0.72
C PRO B 482 -14.19 13.05 -0.40
N GLU B 483 -15.40 13.32 0.07
CA GLU B 483 -16.28 12.22 0.40
C GLU B 483 -16.98 11.57 -0.80
N VAL B 484 -16.65 11.98 -2.01
CA VAL B 484 -17.29 11.38 -3.17
C VAL B 484 -16.41 10.30 -3.76
N LEU B 485 -16.98 9.12 -3.97
CA LEU B 485 -16.27 7.99 -4.55
C LEU B 485 -16.42 8.04 -6.08
N VAL B 486 -15.31 8.25 -6.79
CA VAL B 486 -15.38 8.35 -8.24
C VAL B 486 -14.67 7.25 -9.05
N PHE B 487 -15.35 6.77 -10.09
CA PHE B 487 -14.82 5.79 -11.04
C PHE B 487 -14.90 6.47 -12.43
N GLU B 488 -13.84 6.39 -13.24
CA GLU B 488 -12.61 5.74 -12.84
C GLU B 488 -11.91 6.62 -11.81
N PRO B 489 -11.05 6.01 -11.01
CA PRO B 489 -10.33 6.80 -10.01
C PRO B 489 -9.31 7.73 -10.67
N LEU B 490 -8.98 8.80 -9.96
CA LEU B 490 -8.04 9.81 -10.42
C LEU B 490 -6.78 9.34 -11.14
N TRP B 491 -6.02 8.42 -10.54
CA TRP B 491 -4.76 7.96 -11.15
C TRP B 491 -4.84 7.54 -12.61
N THR B 492 -6.03 7.20 -13.09
CA THR B 492 -6.15 6.77 -14.48
C THR B 492 -5.84 7.88 -15.48
N VAL B 493 -5.86 9.13 -15.02
CA VAL B 493 -5.53 10.24 -15.91
C VAL B 493 -4.08 10.11 -16.37
N ILE B 494 -3.29 9.31 -15.64
CA ILE B 494 -1.87 9.12 -15.99
C ILE B 494 -1.63 8.09 -17.11
N PRO B 495 -2.13 6.83 -16.99
CA PRO B 495 -1.88 5.91 -18.09
C PRO B 495 -2.80 6.26 -19.27
N GLY B 496 -3.76 7.14 -19.00
CA GLY B 496 -4.67 7.58 -20.05
C GLY B 496 -4.10 8.79 -20.79
N ASN B 497 -2.95 9.27 -20.33
CA ASN B 497 -2.27 10.41 -20.94
C ASN B 497 -1.11 9.90 -21.81
N LYS B 498 -0.97 10.47 -23.01
CA LYS B 498 0.06 10.01 -23.93
C LYS B 498 1.49 10.37 -23.52
N ALA B 499 1.63 11.28 -22.56
CA ALA B 499 2.95 11.65 -22.09
C ALA B 499 3.63 10.42 -21.49
N ILE B 500 2.85 9.36 -21.27
CA ILE B 500 3.40 8.14 -20.69
C ILE B 500 4.05 7.28 -21.77
N LEU B 501 3.71 7.52 -23.02
CA LEU B 501 4.30 6.71 -24.09
C LEU B 501 5.82 6.69 -24.12
N PRO B 502 6.47 7.86 -24.04
CA PRO B 502 7.95 7.86 -24.07
C PRO B 502 8.51 7.15 -22.83
N ILE B 503 7.72 7.13 -21.74
CA ILE B 503 8.14 6.49 -20.50
C ILE B 503 8.21 4.99 -20.71
N LEU B 504 7.14 4.43 -21.26
CA LEU B 504 7.07 3.01 -21.56
C LEU B 504 8.24 2.65 -22.46
N TRP B 505 8.46 3.44 -23.51
CA TRP B 505 9.57 3.16 -24.42
C TRP B 505 10.86 3.16 -23.61
N SER B 506 10.91 4.04 -22.63
CA SER B 506 12.06 4.17 -21.74
C SER B 506 12.26 2.92 -20.86
N LEU B 507 11.19 2.46 -20.23
CA LEU B 507 11.26 1.29 -19.37
C LEU B 507 11.42 0.00 -20.16
N PHE B 508 10.74 -0.10 -21.29
CA PHE B 508 10.78 -1.30 -22.10
C PHE B 508 11.21 -1.03 -23.54
N PRO B 509 12.39 -0.43 -23.74
CA PRO B 509 12.87 -0.14 -25.10
C PRO B 509 12.90 -1.37 -25.98
N HIS B 510 12.34 -1.21 -27.18
CA HIS B 510 12.24 -2.25 -28.19
C HIS B 510 11.29 -3.37 -27.88
N HIS B 511 10.34 -3.11 -26.98
CA HIS B 511 9.35 -4.12 -26.65
C HIS B 511 8.59 -4.41 -27.93
N ARG B 512 8.31 -5.68 -28.19
CA ARG B 512 7.63 -6.08 -29.42
C ARG B 512 6.29 -5.38 -29.76
N TYR B 513 5.61 -4.84 -28.75
CA TYR B 513 4.34 -4.17 -28.97
C TYR B 513 4.41 -2.65 -28.90
N LEU B 514 5.58 -2.13 -28.57
CA LEU B 514 5.72 -0.70 -28.45
C LEU B 514 6.24 -0.04 -29.71
N LEU B 515 6.18 1.30 -29.72
CA LEU B 515 6.67 2.13 -30.81
C LEU B 515 7.57 3.20 -30.19
N ASP B 516 8.67 3.52 -30.85
CA ASP B 516 9.55 4.54 -30.33
C ASP B 516 8.77 5.86 -30.23
N THR B 517 8.54 6.30 -29.00
CA THR B 517 7.84 7.56 -28.78
C THR B 517 8.77 8.53 -28.07
N ASP B 518 8.60 9.82 -28.33
CA ASP B 518 9.47 10.79 -27.71
C ASP B 518 8.80 12.15 -27.56
N PHE B 519 9.46 13.06 -26.86
CA PHE B 519 8.91 14.40 -26.67
C PHE B 519 9.50 15.39 -27.66
N THR B 520 10.24 14.85 -28.63
CA THR B 520 10.86 15.64 -29.70
C THR B 520 10.92 14.68 -30.87
N VAL B 521 11.40 15.17 -32.01
CA VAL B 521 11.52 14.31 -33.16
C VAL B 521 13.00 13.97 -33.29
N ASN B 522 13.41 12.93 -32.57
CA ASN B 522 14.81 12.51 -32.59
C ASN B 522 15.27 12.03 -33.96
N ASP B 523 16.45 11.43 -33.99
CA ASP B 523 17.00 10.93 -35.24
C ASP B 523 16.15 9.82 -35.86
N GLU B 524 15.97 8.74 -35.11
CA GLU B 524 15.18 7.59 -35.55
C GLU B 524 13.79 7.89 -36.11
N LEU B 525 12.95 8.57 -35.34
CA LEU B 525 11.60 8.89 -35.81
C LEU B 525 11.67 9.57 -37.16
N VAL B 526 12.66 10.46 -37.31
CA VAL B 526 12.85 11.19 -38.54
C VAL B 526 12.89 10.27 -39.75
N LYS B 527 13.64 9.17 -39.64
CA LYS B 527 13.77 8.24 -40.74
C LYS B 527 12.69 7.15 -40.84
N THR B 528 11.90 6.96 -39.79
CA THR B 528 10.86 5.94 -39.83
C THR B 528 9.48 6.52 -40.06
N GLY B 529 9.37 7.84 -39.96
CA GLY B 529 8.08 8.50 -40.12
C GLY B 529 7.49 8.62 -38.72
N TYR B 530 6.63 9.60 -38.47
CA TYR B 530 6.10 9.72 -37.12
C TYR B 530 4.76 10.42 -36.98
N ALA B 531 3.99 9.95 -36.00
CA ALA B 531 2.69 10.51 -35.72
C ALA B 531 2.85 11.54 -34.60
N VAL B 532 2.25 12.72 -34.78
CA VAL B 532 2.30 13.80 -33.80
C VAL B 532 0.95 13.79 -33.12
N LYS B 533 0.92 13.88 -31.79
CA LYS B 533 -0.37 13.81 -31.10
C LYS B 533 -0.42 14.49 -29.73
N PRO B 534 -1.54 15.16 -29.43
CA PRO B 534 -1.66 15.82 -28.14
C PRO B 534 -1.71 14.79 -26.98
N ILE B 535 -0.89 15.02 -25.96
CA ILE B 535 -0.77 14.11 -24.80
C ILE B 535 -2.07 13.87 -24.05
N ALA B 536 -3.04 14.74 -24.25
CA ALA B 536 -4.32 14.61 -23.56
C ALA B 536 -5.51 14.69 -24.51
N GLY B 537 -5.33 14.27 -25.76
CA GLY B 537 -6.41 14.34 -26.72
C GLY B 537 -7.31 13.11 -26.80
N ARG B 538 -8.03 13.01 -27.91
CA ARG B 538 -8.94 11.90 -28.15
C ARG B 538 -9.69 12.05 -29.46
N CYS B 539 -10.36 10.98 -29.87
CA CYS B 539 -11.15 11.00 -31.09
C CYS B 539 -10.36 11.38 -32.33
N GLY B 540 -9.04 11.28 -32.25
CA GLY B 540 -8.18 11.60 -33.37
C GLY B 540 -7.98 13.08 -33.61
N SER B 541 -8.31 13.92 -32.63
CA SER B 541 -8.16 15.35 -32.75
C SER B 541 -6.70 15.79 -32.82
N ASN B 542 -6.42 16.71 -33.74
CA ASN B 542 -5.09 17.26 -33.94
C ASN B 542 -3.96 16.27 -34.12
N ILE B 543 -4.23 15.22 -34.90
CA ILE B 543 -3.24 14.19 -35.21
C ILE B 543 -2.51 14.57 -36.50
N ASP B 544 -1.19 14.42 -36.52
CA ASP B 544 -0.37 14.72 -37.70
C ASP B 544 0.48 13.49 -38.07
N LEU B 545 0.52 13.16 -39.36
CA LEU B 545 1.25 11.98 -39.79
C LEU B 545 2.34 12.26 -40.82
N VAL B 546 3.59 12.33 -40.35
CA VAL B 546 4.73 12.58 -41.24
C VAL B 546 5.35 11.26 -41.64
N SER B 547 5.62 11.09 -42.94
CA SER B 547 6.24 9.84 -43.42
C SER B 547 7.76 9.93 -43.43
N HIS B 548 8.44 8.81 -43.70
CA HIS B 548 9.90 8.83 -43.72
C HIS B 548 10.41 9.68 -44.87
N HIS B 549 9.52 9.98 -45.82
CA HIS B 549 9.88 10.83 -46.96
C HIS B 549 9.66 12.29 -46.54
N GLU B 550 9.20 12.48 -45.31
CA GLU B 550 8.94 13.80 -44.74
C GLU B 550 7.83 14.56 -45.45
N GLU B 551 6.61 14.04 -45.35
CA GLU B 551 5.46 14.69 -45.97
C GLU B 551 4.23 14.37 -45.14
N VAL B 552 3.42 15.37 -44.90
CA VAL B 552 2.20 15.20 -44.11
C VAL B 552 1.23 14.24 -44.79
N LEU B 553 1.25 12.96 -44.40
CA LEU B 553 0.32 12.00 -44.99
C LEU B 553 -1.13 12.42 -44.74
N ASP B 554 -1.48 12.62 -43.48
CA ASP B 554 -2.82 13.07 -43.14
C ASP B 554 -2.70 14.09 -42.01
N LYS B 555 -3.79 14.78 -41.71
CA LYS B 555 -3.78 15.80 -40.66
C LYS B 555 -5.20 16.13 -40.26
N THR B 556 -5.41 16.36 -38.97
CA THR B 556 -6.75 16.68 -38.50
C THR B 556 -6.73 17.89 -37.59
N SER B 557 -7.92 18.48 -37.42
CA SER B 557 -8.10 19.64 -36.57
C SER B 557 -8.70 19.18 -35.24
N GLY B 558 -8.96 20.12 -34.35
CA GLY B 558 -9.52 19.77 -33.05
C GLY B 558 -9.22 20.84 -32.03
N LYS B 559 -9.72 20.63 -30.81
CA LYS B 559 -9.56 21.59 -29.70
C LYS B 559 -8.27 21.54 -28.88
N PHE B 560 -7.49 20.48 -29.03
CA PHE B 560 -6.27 20.34 -28.22
C PHE B 560 -4.99 20.74 -28.95
N ALA B 561 -5.08 21.73 -29.82
CA ALA B 561 -3.94 22.20 -30.60
C ALA B 561 -2.84 22.90 -29.77
N GLU B 562 -3.21 23.41 -28.61
CA GLU B 562 -2.25 24.11 -27.78
C GLU B 562 -1.46 23.15 -26.87
N GLN B 563 -1.97 21.94 -26.69
CA GLN B 563 -1.36 20.93 -25.82
C GLN B 563 0.02 20.43 -26.22
N LYS B 564 0.75 19.88 -25.25
CA LYS B 564 2.07 19.32 -25.52
C LYS B 564 1.85 18.08 -26.37
N ASN B 565 2.80 17.77 -27.25
CA ASN B 565 2.70 16.60 -28.13
C ASN B 565 3.73 15.52 -27.82
N ILE B 566 3.52 14.36 -28.43
CA ILE B 566 4.46 13.26 -28.33
C ILE B 566 4.66 12.92 -29.80
N TYR B 567 5.76 12.28 -30.12
CA TYR B 567 6.05 11.90 -31.49
C TYR B 567 6.25 10.39 -31.50
N GLN B 568 5.30 9.67 -32.11
CA GLN B 568 5.29 8.21 -32.16
C GLN B 568 5.63 7.62 -33.54
N GLN B 569 6.51 6.64 -33.54
CA GLN B 569 6.93 5.99 -34.78
C GLN B 569 5.73 5.68 -35.69
N LEU B 570 5.87 6.01 -36.97
CA LEU B 570 4.81 5.77 -37.94
C LEU B 570 4.56 4.27 -38.11
N TRP B 571 3.29 3.90 -38.09
CA TRP B 571 2.91 2.52 -38.24
C TRP B 571 1.44 2.61 -38.59
N CYS B 572 1.19 2.83 -39.88
CA CYS B 572 -0.14 3.00 -40.44
C CYS B 572 -1.09 1.79 -40.44
N LEU B 573 -2.37 2.09 -40.21
CA LEU B 573 -3.39 1.05 -40.18
C LEU B 573 -3.41 0.24 -41.44
N PRO B 574 -3.71 -1.04 -41.31
CA PRO B 574 -3.76 -1.91 -42.48
C PRO B 574 -5.06 -1.54 -43.17
N LYS B 575 -5.08 -1.64 -44.48
CA LYS B 575 -6.29 -1.30 -45.25
C LYS B 575 -6.92 -2.57 -45.81
N VAL B 576 -8.16 -2.84 -45.42
CA VAL B 576 -8.84 -4.05 -45.89
C VAL B 576 -10.22 -3.79 -46.41
N ASP B 577 -10.46 -4.27 -47.62
CA ASP B 577 -11.75 -4.08 -48.26
C ASP B 577 -12.12 -2.62 -48.25
N GLY B 578 -11.28 -1.81 -48.88
CA GLY B 578 -11.50 -0.39 -48.98
C GLY B 578 -11.77 0.32 -47.66
N LYS B 579 -11.02 -0.02 -46.62
CA LYS B 579 -11.17 0.62 -45.32
C LYS B 579 -9.96 0.37 -44.42
N TYR B 580 -9.63 1.37 -43.60
CA TYR B 580 -8.51 1.26 -42.68
C TYR B 580 -9.03 0.72 -41.34
N ILE B 581 -8.63 -0.52 -41.03
CA ILE B 581 -9.06 -1.20 -39.82
C ILE B 581 -8.07 -1.12 -38.67
N GLN B 582 -8.61 -0.94 -37.47
CA GLN B 582 -7.82 -0.85 -36.24
C GLN B 582 -8.43 -1.76 -35.19
N VAL B 583 -7.58 -2.49 -34.47
CA VAL B 583 -8.05 -3.41 -33.44
C VAL B 583 -8.14 -2.76 -32.07
N CYS B 584 -9.23 -3.02 -31.35
CA CYS B 584 -9.43 -2.46 -30.03
C CYS B 584 -9.73 -3.57 -29.05
N THR B 585 -9.14 -3.52 -27.87
CA THR B 585 -9.40 -4.53 -26.86
C THR B 585 -9.82 -3.80 -25.59
N PHE B 586 -10.75 -4.41 -24.87
CA PHE B 586 -11.22 -3.83 -23.63
C PHE B 586 -10.46 -4.43 -22.45
N THR B 587 -10.35 -3.66 -21.38
CA THR B 587 -9.73 -4.16 -20.16
C THR B 587 -10.83 -3.92 -19.14
N VAL B 588 -11.21 -4.95 -18.42
CA VAL B 588 -12.24 -4.85 -17.41
C VAL B 588 -11.56 -5.35 -16.17
N GLY B 589 -11.53 -4.52 -15.12
CA GLY B 589 -10.86 -4.95 -13.90
C GLY B 589 -9.39 -5.30 -14.14
N GLY B 590 -8.81 -4.81 -15.23
CA GLY B 590 -7.41 -5.06 -15.50
C GLY B 590 -7.05 -6.14 -16.52
N ASN B 591 -7.99 -7.00 -16.88
CA ASN B 591 -7.71 -8.07 -17.84
C ASN B 591 -8.63 -8.04 -19.06
N TYR B 592 -8.16 -8.63 -20.15
CA TYR B 592 -8.90 -8.70 -21.40
C TYR B 592 -10.40 -8.89 -21.16
N GLY B 593 -11.21 -8.21 -21.95
CA GLY B 593 -12.66 -8.32 -21.80
C GLY B 593 -13.40 -8.37 -23.13
N GLY B 594 -12.65 -8.24 -24.21
CA GLY B 594 -13.23 -8.29 -25.54
C GLY B 594 -12.40 -7.60 -26.60
N THR B 595 -12.90 -7.64 -27.83
CA THR B 595 -12.24 -6.99 -28.96
C THR B 595 -13.28 -6.43 -29.92
N CYS B 596 -12.91 -5.36 -30.63
CA CYS B 596 -13.81 -4.74 -31.60
C CYS B 596 -12.98 -4.04 -32.67
N LEU B 597 -13.64 -3.67 -33.78
CA LEU B 597 -12.98 -2.98 -34.88
C LEU B 597 -13.50 -1.56 -35.10
N ARG B 598 -12.63 -0.70 -35.63
CA ARG B 598 -12.97 0.69 -35.95
C ARG B 598 -12.42 0.82 -37.36
N GLY B 599 -13.26 1.28 -38.28
CA GLY B 599 -12.82 1.43 -39.65
C GLY B 599 -13.06 2.83 -40.18
N ASP B 600 -12.18 3.29 -41.05
CA ASP B 600 -12.32 4.62 -41.62
C ASP B 600 -11.68 4.75 -43.00
N GLU B 601 -12.13 5.75 -43.75
CA GLU B 601 -11.62 6.02 -45.09
C GLU B 601 -10.23 6.58 -44.98
N SER B 602 -9.91 7.20 -43.85
CA SER B 602 -8.57 7.77 -43.67
C SER B 602 -7.72 6.95 -42.70
N LEU B 603 -6.43 7.28 -42.64
CA LEU B 603 -5.48 6.60 -41.76
C LEU B 603 -5.71 6.93 -40.28
N VAL B 604 -6.52 7.96 -40.04
CA VAL B 604 -6.79 8.40 -38.69
C VAL B 604 -8.21 8.13 -38.23
N ILE B 605 -8.35 7.27 -37.23
CA ILE B 605 -9.66 6.95 -36.69
C ILE B 605 -10.16 8.17 -35.90
N LYS B 606 -11.47 8.40 -35.88
CA LYS B 606 -12.07 9.54 -35.19
C LYS B 606 -13.33 9.16 -34.44
N LYS B 607 -13.87 10.11 -33.67
CA LYS B 607 -15.10 9.89 -32.89
C LYS B 607 -16.15 9.06 -33.67
N GLU B 608 -16.56 9.55 -34.83
CA GLU B 608 -17.56 8.90 -35.67
C GLU B 608 -17.13 7.64 -36.44
N SER B 609 -15.83 7.34 -36.52
CA SER B 609 -15.41 6.12 -37.22
C SER B 609 -16.35 5.01 -36.79
N ASP B 610 -16.76 4.17 -37.73
CA ASP B 610 -17.67 3.12 -37.35
C ASP B 610 -17.09 1.87 -36.73
N ILE B 611 -17.98 1.09 -36.14
CA ILE B 611 -17.64 -0.18 -35.54
C ILE B 611 -18.01 -1.20 -36.61
N GLU B 612 -17.01 -1.91 -37.11
CA GLU B 612 -17.23 -2.92 -38.14
C GLU B 612 -17.41 -4.28 -37.45
N PRO B 613 -18.45 -5.06 -37.83
CA PRO B 613 -18.67 -6.36 -37.20
C PRO B 613 -17.44 -7.25 -37.25
N LEU B 614 -17.15 -7.93 -36.15
CA LEU B 614 -15.97 -8.80 -36.07
C LEU B 614 -16.31 -10.20 -35.62
N ILE B 615 -15.90 -11.19 -36.41
CA ILE B 615 -16.12 -12.57 -36.03
C ILE B 615 -14.76 -13.26 -35.93
N VAL B 616 -14.58 -14.03 -34.84
CA VAL B 616 -13.33 -14.76 -34.60
C VAL B 616 -13.48 -16.18 -35.12
N VAL B 617 -12.52 -16.66 -35.91
CA VAL B 617 -12.64 -18.01 -36.46
C VAL B 617 -11.51 -19.00 -36.18
N LYS B 618 -11.88 -20.21 -35.79
CA LYS B 618 -10.90 -21.26 -35.50
C LYS B 618 -10.63 -22.04 -36.79
#